data_7D5J
#
_entry.id   7D5J
#
_cell.length_a   123.343
_cell.length_b   71.158
_cell.length_c   84.541
_cell.angle_alpha   90.000
_cell.angle_beta   90.045
_cell.angle_gamma   90.000
#
_symmetry.space_group_name_H-M   'C 1 2 1'
#
loop_
_entity.id
_entity.type
_entity.pdbx_description
1 polymer 'PenA Beta-lactamase'
2 non-polymer '2-(N-MORPHOLINO)-ETHANESULFONIC ACID'
3 water water
#
_entity_poly.entity_id   1
_entity_poly.type   'polypeptide(L)'
_entity_poly.pdbx_seq_one_letter_code
;MTHSSQRRILLLAAATAPLALSLGACAARDATVSDAASPVGAAPASFAALERAAGGRLGVCAIDTATGRRALHRADERFP
FCSTFKAMLGAAVLAQSVAHPGLLQQRVTYGRSDLVNYSPVTERHVDTGMTVAELCAATIQYSDNTAANELMKRIGGPAA
VTAYARSIGDDTFRLDRWETELNTALPGDLRDTTTPAAMAANLRVLVLGDALPPAQRAQLIEWLRGNKVGDKAIRAGVPT
GWRVGDKTGTGDYGTTNDVGVLWPPSRAPIVLAVYYTQTRADAKAKDDVIAAATRIASATLA
;
_entity_poly.pdbx_strand_id   A,B,C
#
# COMPACT_ATOMS: atom_id res chain seq x y z
N ALA A 42 21.86 -29.09 8.49
CA ALA A 42 22.83 -28.34 9.28
C ALA A 42 22.12 -27.43 10.28
N ALA A 43 21.25 -26.56 9.78
CA ALA A 43 20.48 -25.69 10.66
C ALA A 43 19.63 -26.53 11.60
N PRO A 44 19.48 -26.13 12.86
CA PRO A 44 18.63 -26.89 13.78
C PRO A 44 17.22 -27.02 13.25
N ALA A 45 16.64 -28.22 13.42
CA ALA A 45 15.37 -28.55 12.80
C ALA A 45 14.18 -28.53 13.77
N SER A 46 14.43 -28.34 15.06
CA SER A 46 13.36 -28.29 16.06
C SER A 46 13.63 -27.10 16.97
N PHE A 47 12.58 -26.69 17.69
CA PHE A 47 12.75 -25.64 18.69
C PHE A 47 13.78 -26.04 19.74
N ALA A 48 13.74 -27.30 20.17
CA ALA A 48 14.68 -27.75 21.20
C ALA A 48 16.11 -27.73 20.67
N ALA A 49 16.30 -28.14 19.41
CA ALA A 49 17.64 -28.12 18.83
C ALA A 49 18.14 -26.69 18.63
N LEU A 50 17.24 -25.78 18.24
CA LEU A 50 17.62 -24.38 18.09
C LEU A 50 18.04 -23.78 19.42
N GLU A 51 17.26 -24.05 20.47
CA GLU A 51 17.61 -23.57 21.80
C GLU A 51 18.96 -24.11 22.26
N ARG A 52 19.25 -25.38 21.99
CA ARG A 52 20.55 -25.92 22.34
C ARG A 52 21.67 -25.25 21.55
N ALA A 53 21.44 -25.03 20.25
CA ALA A 53 22.48 -24.44 19.39
C ALA A 53 22.73 -22.99 19.73
N ALA A 54 21.67 -22.23 20.04
CA ALA A 54 21.83 -20.81 20.33
C ALA A 54 22.20 -20.53 21.78
N GLY A 55 21.95 -21.47 22.68
CA GLY A 55 22.06 -21.18 24.10
C GLY A 55 20.88 -20.34 24.55
N GLY A 56 20.73 -20.15 25.85
CA GLY A 56 19.62 -19.35 26.32
C GLY A 56 18.31 -20.11 26.40
N ARG A 57 17.22 -19.36 26.37
CA ARG A 57 15.88 -19.89 26.60
C ARG A 57 14.94 -19.35 25.53
N LEU A 58 14.29 -20.27 24.80
CA LEU A 58 13.43 -19.95 23.67
C LEU A 58 12.00 -20.30 24.03
N GLY A 59 11.07 -19.40 23.68
CA GLY A 59 9.66 -19.65 23.88
C GLY A 59 8.88 -19.40 22.60
N VAL A 60 8.09 -20.37 22.15
CA VAL A 60 7.33 -20.23 20.91
C VAL A 60 5.90 -20.71 21.13
N CYS A 61 4.92 -19.95 20.65
CA CYS A 61 3.56 -20.43 20.48
C CYS A 61 3.10 -20.03 19.10
N ALA A 62 2.88 -21.02 18.23
CA ALA A 62 2.34 -20.79 16.90
C ALA A 62 1.02 -21.54 16.77
N ILE A 63 0.00 -20.87 16.24
CA ILE A 63 -1.35 -21.43 16.11
C ILE A 63 -1.78 -21.35 14.66
N ASP A 64 -2.14 -22.49 14.07
CA ASP A 64 -2.81 -22.50 12.77
C ASP A 64 -4.29 -22.27 13.03
N THR A 65 -4.81 -21.10 12.63
CA THR A 65 -6.17 -20.77 13.02
C THR A 65 -7.23 -21.58 12.25
N ALA A 66 -6.84 -22.30 11.21
CA ALA A 66 -7.79 -23.18 10.52
C ALA A 66 -7.96 -24.51 11.25
N THR A 67 -6.85 -25.17 11.57
CA THR A 67 -6.89 -26.51 12.15
C THR A 67 -6.78 -26.51 13.66
N GLY A 68 -6.24 -25.45 14.26
CA GLY A 68 -5.95 -25.43 15.67
C GLY A 68 -4.65 -26.12 16.05
N ARG A 69 -3.93 -26.68 15.08
CA ARG A 69 -2.64 -27.27 15.38
C ARG A 69 -1.68 -26.19 15.85
N ARG A 70 -0.77 -26.58 16.73
CA ARG A 70 0.15 -25.64 17.36
C ARG A 70 1.57 -26.15 17.23
N ALA A 71 2.50 -25.19 17.19
CA ALA A 71 3.92 -25.45 17.37
C ALA A 71 4.33 -24.75 18.66
N LEU A 72 4.88 -25.51 19.61
CA LEU A 72 5.07 -25.01 20.97
C LEU A 72 6.46 -25.33 21.48
N HIS A 73 7.02 -24.38 22.24
CA HIS A 73 8.22 -24.64 23.03
C HIS A 73 8.18 -23.67 24.20
N ARG A 74 8.18 -24.20 25.43
CA ARG A 74 8.11 -23.35 26.63
C ARG A 74 6.99 -22.32 26.53
N ALA A 75 5.87 -22.72 25.92
CA ALA A 75 4.82 -21.77 25.59
C ALA A 75 4.12 -21.22 26.83
N ASP A 76 4.25 -21.90 27.98
CA ASP A 76 3.64 -21.41 29.20
C ASP A 76 4.65 -20.89 30.21
N GLU A 77 5.89 -20.65 29.78
CA GLU A 77 6.88 -20.01 30.63
C GLU A 77 6.86 -18.49 30.42
N ARG A 78 7.16 -17.76 31.48
CA ARG A 78 7.27 -16.31 31.41
C ARG A 78 8.57 -15.87 30.75
N PHE A 79 8.48 -14.84 29.93
CA PHE A 79 9.62 -14.19 29.32
C PHE A 79 9.47 -12.68 29.46
N PRO A 80 10.58 -11.95 29.53
CA PRO A 80 10.48 -10.48 29.51
C PRO A 80 10.05 -10.02 28.13
N PHE A 81 8.88 -9.35 28.06
CA PHE A 81 8.29 -9.13 26.74
C PHE A 81 8.89 -7.94 26.00
N CYS A 82 9.56 -7.02 26.69
CA CYS A 82 10.18 -5.87 26.04
C CYS A 82 9.18 -5.19 25.10
N SER A 83 9.60 -4.73 23.92
CA SER A 83 8.66 -3.87 23.17
C SER A 83 7.48 -4.61 22.55
N THR A 84 7.38 -5.95 22.66
CA THR A 84 6.16 -6.58 22.18
C THR A 84 4.93 -6.08 22.93
N PHE A 85 5.10 -5.51 24.14
CA PHE A 85 3.94 -5.02 24.85
C PHE A 85 3.27 -3.86 24.12
N LYS A 86 4.00 -3.17 23.23
CA LYS A 86 3.40 -2.03 22.54
C LYS A 86 2.22 -2.45 21.67
N ALA A 87 2.15 -3.72 21.26
CA ALA A 87 0.93 -4.20 20.60
C ALA A 87 -0.26 -4.12 21.56
N MET A 88 -0.05 -4.46 22.83
CA MET A 88 -1.12 -4.39 23.83
C MET A 88 -1.42 -2.95 24.18
N LEU A 89 -0.39 -2.11 24.24
CA LEU A 89 -0.60 -0.70 24.51
C LEU A 89 -1.48 -0.07 23.43
N GLY A 90 -1.15 -0.33 22.16
CA GLY A 90 -1.97 0.18 21.07
C GLY A 90 -3.40 -0.31 21.16
N ALA A 91 -3.58 -1.61 21.48
CA ALA A 91 -4.92 -2.13 21.65
C ALA A 91 -5.65 -1.45 22.81
N ALA A 92 -4.94 -1.16 23.92
CA ALA A 92 -5.58 -0.53 25.05
C ALA A 92 -6.02 0.90 24.71
N VAL A 93 -5.18 1.63 23.98
CA VAL A 93 -5.57 2.98 23.54
C VAL A 93 -6.80 2.91 22.66
N LEU A 94 -6.78 2.00 21.66
CA LEU A 94 -7.93 1.87 20.79
C LEU A 94 -9.18 1.47 21.55
N ALA A 95 -9.05 0.63 22.58
CA ALA A 95 -10.24 0.25 23.35
C ALA A 95 -10.81 1.44 24.11
N GLN A 96 -9.95 2.30 24.67
CA GLN A 96 -10.44 3.50 25.34
C GLN A 96 -11.09 4.45 24.35
N SER A 97 -10.67 4.39 23.08
CA SER A 97 -11.23 5.28 22.06
C SER A 97 -12.66 4.88 21.68
N VAL A 98 -13.14 3.71 22.08
CA VAL A 98 -14.52 3.35 21.76
C VAL A 98 -15.49 4.24 22.53
N ALA A 99 -15.28 4.38 23.84
CA ALA A 99 -16.12 5.27 24.63
C ALA A 99 -15.74 6.74 24.46
N HIS A 100 -14.50 7.05 24.09
CA HIS A 100 -14.02 8.41 23.91
C HIS A 100 -13.46 8.54 22.50
N PRO A 101 -14.33 8.68 21.49
CA PRO A 101 -13.85 8.69 20.10
C PRO A 101 -12.93 9.86 19.77
N GLY A 102 -12.86 10.90 20.61
CA GLY A 102 -11.89 11.95 20.37
C GLY A 102 -10.49 11.66 20.85
N LEU A 103 -10.25 10.50 21.45
CA LEU A 103 -8.97 10.24 22.10
C LEU A 103 -7.83 10.25 21.09
N LEU A 104 -8.00 9.61 19.93
CA LEU A 104 -6.89 9.50 18.98
C LEU A 104 -6.44 10.86 18.46
N GLN A 105 -7.36 11.83 18.44
CA GLN A 105 -7.07 13.17 17.95
C GLN A 105 -6.39 14.05 18.99
N GLN A 106 -6.41 13.66 20.26
CA GLN A 106 -5.90 14.56 21.30
C GLN A 106 -4.40 14.78 21.13
N ARG A 107 -3.99 16.04 21.26
CA ARG A 107 -2.60 16.43 21.09
C ARG A 107 -1.86 16.35 22.42
N VAL A 108 -0.73 15.64 22.42
CA VAL A 108 0.12 15.44 23.58
C VAL A 108 1.37 16.28 23.38
N THR A 109 1.67 17.15 24.35
CA THR A 109 2.89 17.95 24.32
C THR A 109 3.82 17.46 25.41
N TYR A 110 5.08 17.22 25.04
CA TYR A 110 6.10 16.72 25.95
C TYR A 110 7.34 17.56 25.75
N GLY A 111 8.31 17.41 26.66
CA GLY A 111 9.51 18.22 26.65
C GLY A 111 10.76 17.39 26.43
N ARG A 112 11.88 18.09 26.28
CA ARG A 112 13.18 17.43 26.13
C ARG A 112 13.43 16.41 27.23
N SER A 113 13.10 16.75 28.46
CA SER A 113 13.41 15.88 29.59
C SER A 113 12.48 14.69 29.68
N ASP A 114 11.41 14.67 28.88
CA ASP A 114 10.58 13.49 28.74
C ASP A 114 11.15 12.48 27.76
N LEU A 115 12.16 12.85 26.96
CA LEU A 115 12.67 11.90 25.98
C LEU A 115 13.49 10.82 26.67
N VAL A 116 13.25 9.56 26.31
CA VAL A 116 14.09 8.47 26.76
C VAL A 116 14.82 7.90 25.54
N ASN A 117 15.77 7.00 25.81
CA ASN A 117 16.60 6.46 24.75
C ASN A 117 15.75 5.78 23.67
N TYR A 118 16.18 5.95 22.42
CA TYR A 118 15.51 5.47 21.21
C TYR A 118 14.12 6.06 21.03
N SER A 119 14.09 7.29 20.54
CA SER A 119 12.83 8.02 20.32
C SER A 119 12.89 8.68 18.94
N PRO A 120 13.02 7.87 17.88
CA PRO A 120 13.36 8.44 16.56
C PRO A 120 12.29 9.34 15.98
N VAL A 121 11.02 9.14 16.35
CA VAL A 121 9.93 9.99 15.88
C VAL A 121 9.63 11.11 16.85
N THR A 122 9.48 10.77 18.14
CA THR A 122 9.07 11.79 19.10
C THR A 122 10.14 12.87 19.29
N GLU A 123 11.40 12.52 19.08
CA GLU A 123 12.44 13.54 19.24
C GLU A 123 12.34 14.63 18.19
N ARG A 124 11.63 14.39 17.10
CA ARG A 124 11.43 15.38 16.05
C ARG A 124 10.24 16.30 16.31
N HIS A 125 9.49 16.09 17.39
CA HIS A 125 8.24 16.82 17.58
C HIS A 125 8.11 17.36 19.00
N VAL A 126 9.24 17.65 19.64
CA VAL A 126 9.21 18.24 20.97
C VAL A 126 8.45 19.56 20.94
N ASP A 127 8.64 20.34 19.88
CA ASP A 127 8.05 21.68 19.84
C ASP A 127 6.58 21.65 19.44
N THR A 128 6.17 20.72 18.57
CA THR A 128 4.81 20.69 18.04
C THR A 128 3.87 19.78 18.81
N GLY A 129 4.38 18.80 19.55
CA GLY A 129 3.54 17.75 20.08
C GLY A 129 3.12 16.77 19.00
N MET A 130 2.38 15.75 19.41
CA MET A 130 1.90 14.71 18.51
C MET A 130 0.51 14.26 18.97
N THR A 131 -0.33 13.83 18.04
CA THR A 131 -1.61 13.28 18.45
C THR A 131 -1.43 11.88 19.01
N VAL A 132 -2.43 11.44 19.77
CA VAL A 132 -2.42 10.09 20.32
C VAL A 132 -2.28 9.06 19.20
N ALA A 133 -3.00 9.25 18.09
CA ALA A 133 -2.86 8.33 16.96
C ALA A 133 -1.43 8.33 16.41
N GLU A 134 -0.82 9.51 16.28
CA GLU A 134 0.55 9.59 15.79
C GLU A 134 1.50 8.89 16.75
N LEU A 135 1.25 8.99 18.06
CA LEU A 135 2.09 8.29 19.03
C LEU A 135 1.94 6.78 18.92
N CYS A 136 0.71 6.31 18.68
CA CYS A 136 0.48 4.87 18.49
C CYS A 136 1.26 4.38 17.28
N ALA A 137 1.16 5.11 16.16
CA ALA A 137 1.89 4.70 14.97
C ALA A 137 3.39 4.69 15.23
N ALA A 138 3.90 5.70 15.92
CA ALA A 138 5.34 5.74 16.17
C ALA A 138 5.78 4.58 17.06
N THR A 139 4.99 4.25 18.09
CA THR A 139 5.45 3.22 19.00
C THR A 139 5.30 1.82 18.43
N ILE A 140 4.30 1.57 17.58
CA ILE A 140 4.16 0.24 16.97
C ILE A 140 5.06 0.10 15.74
N GLN A 141 5.12 1.12 14.87
CA GLN A 141 5.87 0.94 13.62
C GLN A 141 7.37 1.13 13.79
N TYR A 142 7.79 2.00 14.71
CA TYR A 142 9.22 2.24 14.92
C TYR A 142 9.69 1.84 16.31
N SER A 143 8.78 1.41 17.18
CA SER A 143 9.11 1.04 18.56
C SER A 143 9.60 2.24 19.36
N ASP A 144 9.14 3.43 19.00
CA ASP A 144 9.52 4.66 19.69
C ASP A 144 9.20 4.57 21.18
N ASN A 145 10.21 4.84 22.01
CA ASN A 145 10.05 4.60 23.44
C ASN A 145 9.32 5.74 24.16
N THR A 146 9.68 7.00 23.88
CA THR A 146 8.95 8.11 24.48
C THR A 146 7.47 8.04 24.09
N ALA A 147 7.18 7.66 22.85
CA ALA A 147 5.79 7.53 22.43
C ALA A 147 5.03 6.58 23.34
N ALA A 148 5.64 5.44 23.71
CA ALA A 148 4.95 4.51 24.60
C ALA A 148 4.72 5.15 25.98
N ASN A 149 5.73 5.83 26.51
CA ASN A 149 5.57 6.44 27.83
C ASN A 149 4.49 7.52 27.79
N GLU A 150 4.45 8.31 26.72
CA GLU A 150 3.44 9.37 26.64
C GLU A 150 2.04 8.77 26.52
N LEU A 151 1.88 7.71 25.74
CA LEU A 151 0.57 7.05 25.68
C LEU A 151 0.17 6.49 27.03
N MET A 152 1.12 5.92 27.78
CA MET A 152 0.78 5.35 29.06
C MET A 152 0.40 6.44 30.07
N LYS A 153 1.10 7.58 30.04
CA LYS A 153 0.71 8.70 30.88
C LYS A 153 -0.74 9.11 30.60
N ARG A 154 -1.15 9.09 29.34
CA ARG A 154 -2.49 9.52 29.00
C ARG A 154 -3.55 8.54 29.51
N ILE A 155 -3.29 7.23 29.42
CA ILE A 155 -4.36 6.25 29.64
C ILE A 155 -4.30 5.59 31.02
N GLY A 156 -3.30 5.89 31.83
CA GLY A 156 -3.29 5.34 33.18
C GLY A 156 -2.15 4.42 33.53
N GLY A 157 -1.07 4.46 32.75
CA GLY A 157 0.17 3.84 33.12
C GLY A 157 0.23 2.33 32.96
N PRO A 158 1.31 1.72 33.45
CA PRO A 158 1.42 0.26 33.36
C PRO A 158 0.22 -0.49 33.90
N ALA A 159 -0.39 0.01 34.99
CA ALA A 159 -1.58 -0.64 35.53
C ALA A 159 -2.72 -0.67 34.52
N ALA A 160 -2.87 0.38 33.72
CA ALA A 160 -3.96 0.42 32.76
C ALA A 160 -3.76 -0.58 31.63
N VAL A 161 -2.51 -0.79 31.19
CA VAL A 161 -2.27 -1.81 30.17
C VAL A 161 -2.54 -3.19 30.74
N THR A 162 -2.11 -3.43 31.98
CA THR A 162 -2.36 -4.72 32.60
C THR A 162 -3.85 -4.96 32.77
N ALA A 163 -4.59 -3.93 33.19
CA ALA A 163 -6.04 -4.06 33.32
C ALA A 163 -6.69 -4.39 31.98
N TYR A 164 -6.22 -3.74 30.91
CA TYR A 164 -6.75 -4.04 29.59
C TYR A 164 -6.51 -5.51 29.22
N ALA A 165 -5.29 -6.01 29.48
CA ALA A 165 -5.00 -7.41 29.25
C ALA A 165 -5.99 -8.32 29.97
N ARG A 166 -6.26 -8.04 31.24
CA ARG A 166 -7.23 -8.83 31.98
C ARG A 166 -8.58 -8.80 31.30
N SER A 167 -8.94 -7.64 30.72
CA SER A 167 -10.25 -7.48 30.11
C SER A 167 -10.45 -8.32 28.86
N ILE A 168 -9.37 -8.76 28.21
CA ILE A 168 -9.52 -9.66 27.07
C ILE A 168 -9.11 -11.09 27.42
N GLY A 169 -9.12 -11.42 28.71
CA GLY A 169 -8.93 -12.79 29.15
C GLY A 169 -7.50 -13.21 29.43
N ASP A 170 -6.57 -12.26 29.45
CA ASP A 170 -5.16 -12.53 29.72
C ASP A 170 -4.93 -12.28 31.21
N ASP A 171 -4.78 -13.37 31.97
CA ASP A 171 -4.47 -13.30 33.40
C ASP A 171 -2.99 -13.39 33.68
N THR A 172 -2.16 -13.44 32.64
CA THR A 172 -0.73 -13.74 32.74
C THR A 172 0.13 -12.49 32.56
N PHE A 173 -0.16 -11.71 31.54
CA PHE A 173 0.54 -10.46 31.24
C PHE A 173 0.62 -9.55 32.46
N ARG A 174 1.81 -9.06 32.76
CA ARG A 174 1.94 -7.98 33.74
C ARG A 174 2.93 -6.93 33.24
N LEU A 175 2.47 -5.68 33.13
CA LEU A 175 3.32 -4.53 32.84
C LEU A 175 3.50 -3.74 34.13
N ASP A 176 4.75 -3.54 34.52
CA ASP A 176 5.07 -2.98 35.81
C ASP A 176 5.84 -1.67 35.75
N ARG A 177 6.65 -1.47 34.72
CA ARG A 177 7.57 -0.36 34.64
C ARG A 177 7.37 0.35 33.30
N TRP A 178 8.12 1.42 33.10
CA TRP A 178 8.05 2.29 31.93
C TRP A 178 9.30 2.10 31.05
N GLU A 179 9.30 2.70 29.88
CA GLU A 179 10.51 2.68 29.06
C GLU A 179 11.57 3.57 29.69
N THR A 180 12.83 3.13 29.65
CA THR A 180 13.28 1.86 29.07
C THR A 180 13.56 0.78 30.13
N GLU A 181 13.26 1.11 31.38
CA GLU A 181 13.56 0.21 32.50
C GLU A 181 12.85 -1.13 32.37
N LEU A 182 11.69 -1.17 31.71
CA LEU A 182 10.96 -2.42 31.57
C LEU A 182 11.69 -3.45 30.72
N ASN A 183 12.81 -3.09 30.10
CA ASN A 183 13.57 -4.02 29.27
C ASN A 183 14.78 -4.62 29.99
N THR A 184 14.87 -4.50 31.33
CA THR A 184 16.06 -5.02 32.01
C THR A 184 16.18 -6.53 31.89
N ALA A 185 15.06 -7.23 31.74
CA ALA A 185 15.05 -8.65 31.36
C ALA A 185 15.89 -9.52 32.30
N LEU A 186 15.81 -9.22 33.59
CA LEU A 186 16.62 -9.92 34.57
C LEU A 186 16.18 -11.38 34.67
N PRO A 187 17.11 -12.33 34.67
CA PRO A 187 16.72 -13.74 34.82
C PRO A 187 15.86 -13.96 36.05
N GLY A 188 14.72 -14.63 35.84
CA GLY A 188 13.80 -14.98 36.90
C GLY A 188 12.82 -13.89 37.31
N ASP A 189 13.11 -12.63 36.98
CA ASP A 189 12.24 -11.52 37.35
C ASP A 189 10.86 -11.65 36.72
N LEU A 190 9.81 -11.52 37.54
CA LEU A 190 8.44 -11.58 37.04
C LEU A 190 7.97 -10.28 36.43
N ARG A 191 8.64 -9.17 36.71
CA ARG A 191 8.16 -7.88 36.22
C ARG A 191 8.22 -7.84 34.70
N ASP A 192 7.18 -7.27 34.09
CA ASP A 192 7.16 -6.99 32.66
C ASP A 192 7.33 -8.26 31.84
N THR A 193 6.59 -9.30 32.23
CA THR A 193 6.65 -10.59 31.56
C THR A 193 5.28 -11.04 31.08
N THR A 194 5.31 -11.97 30.11
CA THR A 194 4.14 -12.76 29.79
C THR A 194 4.62 -14.10 29.25
N THR A 195 3.69 -14.93 28.79
CA THR A 195 4.06 -16.19 28.17
C THR A 195 3.80 -16.12 26.67
N PRO A 196 4.51 -16.94 25.87
CA PRO A 196 4.18 -16.97 24.43
C PRO A 196 2.74 -17.34 24.16
N ALA A 197 2.18 -18.30 24.90
CA ALA A 197 0.80 -18.70 24.69
C ALA A 197 -0.18 -17.57 25.01
N ALA A 198 0.06 -16.81 26.08
CA ALA A 198 -0.86 -15.74 26.45
C ALA A 198 -0.85 -14.63 25.40
N MET A 199 0.34 -14.28 24.89
CA MET A 199 0.40 -13.23 23.89
C MET A 199 -0.20 -13.70 22.57
N ALA A 200 0.03 -14.95 22.21
CA ALA A 200 -0.57 -15.48 20.98
C ALA A 200 -2.09 -15.46 21.07
N ALA A 201 -2.64 -15.84 22.24
CA ALA A 201 -4.09 -15.77 22.41
C ALA A 201 -4.60 -14.34 22.28
N ASN A 202 -3.83 -13.37 22.78
CA ASN A 202 -4.25 -11.97 22.66
C ASN A 202 -4.28 -11.54 21.21
N LEU A 203 -3.22 -11.85 20.46
CA LEU A 203 -3.17 -11.49 19.05
C LEU A 203 -4.32 -12.13 18.28
N ARG A 204 -4.66 -13.38 18.62
CA ARG A 204 -5.73 -14.04 17.90
C ARG A 204 -7.06 -13.33 18.10
N VAL A 205 -7.41 -13.00 19.35
CA VAL A 205 -8.70 -12.35 19.58
C VAL A 205 -8.66 -10.90 19.11
N LEU A 206 -7.50 -10.24 19.17
CA LEU A 206 -7.42 -8.84 18.79
C LEU A 206 -7.44 -8.66 17.28
N VAL A 207 -6.68 -9.49 16.56
CA VAL A 207 -6.56 -9.34 15.10
C VAL A 207 -7.64 -10.11 14.36
N LEU A 208 -7.98 -11.31 14.83
CA LEU A 208 -8.88 -12.17 14.10
C LEU A 208 -10.21 -12.39 14.82
N GLY A 209 -10.37 -11.87 16.03
CA GLY A 209 -11.59 -12.00 16.79
C GLY A 209 -12.31 -10.68 16.94
N ASP A 210 -13.16 -10.60 17.96
CA ASP A 210 -14.04 -9.45 18.17
C ASP A 210 -13.68 -8.66 19.43
N ALA A 211 -12.42 -8.70 19.88
CA ALA A 211 -12.05 -7.95 21.07
C ALA A 211 -12.20 -6.45 20.86
N LEU A 212 -11.89 -5.97 19.65
CA LEU A 212 -12.08 -4.58 19.27
C LEU A 212 -13.19 -4.46 18.23
N PRO A 213 -13.89 -3.32 18.19
CA PRO A 213 -14.85 -3.08 17.10
C PRO A 213 -14.14 -3.03 15.76
N PRO A 214 -14.85 -3.20 14.64
CA PRO A 214 -14.15 -3.33 13.34
C PRO A 214 -13.21 -2.19 12.98
N ALA A 215 -13.56 -0.94 13.26
CA ALA A 215 -12.69 0.16 12.86
C ALA A 215 -11.39 0.13 13.65
N GLN A 216 -11.47 -0.11 14.97
CA GLN A 216 -10.26 -0.18 15.79
C GLN A 216 -9.44 -1.43 15.45
N ARG A 217 -10.12 -2.55 15.21
CA ARG A 217 -9.43 -3.77 14.77
C ARG A 217 -8.64 -3.51 13.50
N ALA A 218 -9.25 -2.84 12.52
CA ALA A 218 -8.55 -2.55 11.29
C ALA A 218 -7.33 -1.67 11.56
N GLN A 219 -7.47 -0.73 12.48
CA GLN A 219 -6.36 0.19 12.78
C GLN A 219 -5.20 -0.55 13.43
N LEU A 220 -5.48 -1.47 14.36
CA LEU A 220 -4.40 -2.22 14.99
C LEU A 220 -3.66 -3.05 13.95
N ILE A 221 -4.41 -3.70 13.06
CA ILE A 221 -3.80 -4.51 12.00
C ILE A 221 -2.92 -3.65 11.11
N GLU A 222 -3.41 -2.47 10.73
CA GLU A 222 -2.62 -1.55 9.91
C GLU A 222 -1.29 -1.20 10.59
N TRP A 223 -1.33 -0.86 11.88
CA TRP A 223 -0.09 -0.51 12.56
C TRP A 223 0.87 -1.69 12.61
N LEU A 224 0.35 -2.89 12.92
CA LEU A 224 1.22 -4.06 12.99
C LEU A 224 1.80 -4.42 11.63
N ARG A 225 1.00 -4.33 10.57
CA ARG A 225 1.54 -4.59 9.23
C ARG A 225 2.64 -3.61 8.87
N GLY A 226 2.62 -2.41 9.48
CA GLY A 226 3.60 -1.39 9.16
C GLY A 226 4.86 -1.37 10.01
N ASN A 227 5.18 -2.46 10.72
CA ASN A 227 6.45 -2.50 11.44
C ASN A 227 7.60 -2.26 10.48
N LYS A 228 8.43 -1.26 10.79
CA LYS A 228 9.59 -0.92 9.97
C LYS A 228 10.90 -1.40 10.56
N VAL A 229 10.90 -1.92 11.79
CA VAL A 229 12.16 -2.23 12.45
C VAL A 229 12.27 -3.70 12.81
N GLY A 230 11.60 -4.57 12.03
CA GLY A 230 11.63 -5.99 12.29
C GLY A 230 11.97 -6.85 11.09
N ASP A 231 12.69 -6.29 10.12
CA ASP A 231 12.93 -7.00 8.86
C ASP A 231 13.71 -8.29 9.05
N LYS A 232 14.55 -8.39 10.09
CA LYS A 232 15.39 -9.56 10.27
C LYS A 232 14.76 -10.61 11.17
N ALA A 233 13.54 -10.38 11.65
CA ALA A 233 12.91 -11.26 12.63
C ALA A 233 11.91 -12.19 11.95
N ILE A 234 10.64 -12.18 12.37
CA ILE A 234 9.66 -13.08 11.76
C ILE A 234 9.63 -12.89 10.25
N ARG A 235 9.74 -11.65 9.78
CA ARG A 235 9.65 -11.34 8.36
C ARG A 235 10.73 -12.04 7.56
N ALA A 236 11.91 -12.29 8.16
CA ALA A 236 12.97 -12.97 7.46
C ALA A 236 12.79 -14.47 7.43
N GLY A 237 11.84 -15.01 8.18
CA GLY A 237 11.70 -16.44 8.33
C GLY A 237 10.45 -17.03 7.68
N VAL A 238 9.62 -16.20 7.07
CA VAL A 238 8.40 -16.68 6.43
C VAL A 238 8.70 -16.84 4.94
N PRO A 239 8.02 -17.76 4.25
CA PRO A 239 8.17 -17.85 2.80
C PRO A 239 7.75 -16.55 2.13
N THR A 240 8.31 -16.30 0.95
CA THR A 240 7.90 -15.14 0.17
C THR A 240 6.41 -15.25 -0.19
N GLY A 241 5.76 -14.10 -0.27
CA GLY A 241 4.33 -14.03 -0.50
C GLY A 241 3.49 -13.98 0.75
N TRP A 242 4.03 -14.40 1.90
CA TRP A 242 3.31 -14.28 3.15
C TRP A 242 3.28 -12.82 3.59
N ARG A 243 2.16 -12.41 4.15
CA ARG A 243 2.02 -11.08 4.74
C ARG A 243 2.12 -11.17 6.24
N VAL A 244 2.73 -10.14 6.86
CA VAL A 244 3.05 -10.17 8.28
C VAL A 244 2.56 -8.89 8.93
N GLY A 245 1.93 -9.02 10.09
CA GLY A 245 1.78 -7.91 11.01
C GLY A 245 2.40 -8.30 12.33
N ASP A 246 3.27 -7.47 12.90
CA ASP A 246 4.04 -7.95 14.04
C ASP A 246 4.55 -6.79 14.86
N LYS A 247 5.00 -7.11 16.08
CA LYS A 247 5.69 -6.15 16.94
C LYS A 247 6.90 -6.85 17.54
N THR A 248 8.08 -6.31 17.26
CA THR A 248 9.36 -6.79 17.78
C THR A 248 9.63 -6.23 19.17
N GLY A 249 10.59 -6.86 19.85
CA GLY A 249 11.11 -6.30 21.10
C GLY A 249 12.53 -6.76 21.33
N THR A 250 13.32 -5.90 21.98
CA THR A 250 14.68 -6.24 22.37
C THR A 250 14.96 -5.71 23.77
N GLY A 251 15.86 -6.37 24.46
CA GLY A 251 16.21 -5.90 25.79
C GLY A 251 17.55 -6.43 26.23
N ASP A 252 17.85 -6.21 27.51
CA ASP A 252 19.10 -6.66 28.10
C ASP A 252 19.10 -8.20 28.14
N TYR A 253 20.23 -8.77 28.56
CA TYR A 253 20.43 -10.22 28.55
C TYR A 253 20.17 -10.78 27.15
N GLY A 254 20.51 -9.98 26.15
CA GLY A 254 20.43 -10.44 24.76
C GLY A 254 19.04 -10.90 24.36
N THR A 255 18.02 -10.21 24.85
CA THR A 255 16.63 -10.61 24.63
C THR A 255 16.16 -10.09 23.28
N THR A 256 15.56 -10.97 22.48
CA THR A 256 14.99 -10.60 21.19
C THR A 256 13.68 -11.37 21.03
N ASN A 257 12.59 -10.61 20.80
CA ASN A 257 11.24 -11.14 20.73
C ASN A 257 10.55 -10.63 19.47
N ASP A 258 9.49 -11.32 19.07
CA ASP A 258 8.65 -10.86 17.96
C ASP A 258 7.32 -11.61 18.04
N VAL A 259 6.20 -10.87 17.94
CA VAL A 259 4.89 -11.50 18.00
C VAL A 259 4.03 -10.92 16.89
N GLY A 260 3.21 -11.75 16.26
CA GLY A 260 2.37 -11.22 15.21
C GLY A 260 1.48 -12.26 14.58
N VAL A 261 0.92 -11.87 13.44
CA VAL A 261 0.01 -12.70 12.67
C VAL A 261 0.56 -12.82 11.26
N LEU A 262 0.52 -14.03 10.72
CA LEU A 262 1.07 -14.33 9.40
C LEU A 262 -0.04 -14.81 8.48
N TRP A 263 -0.13 -14.19 7.30
CA TRP A 263 -1.15 -14.56 6.32
C TRP A 263 -0.51 -15.25 5.12
N PRO A 264 -0.54 -16.57 5.03
CA PRO A 264 -0.07 -17.26 3.81
C PRO A 264 -1.05 -17.03 2.68
N PRO A 265 -0.60 -17.21 1.42
CA PRO A 265 -1.43 -16.78 0.29
C PRO A 265 -2.77 -17.50 0.13
N SER A 266 -2.84 -18.81 0.37
CA SER A 266 -4.07 -19.55 0.15
C SER A 266 -4.50 -20.34 1.38
N ARG A 267 -4.12 -19.87 2.56
CA ARG A 267 -4.39 -20.60 3.80
C ARG A 267 -4.85 -19.63 4.87
N ALA A 268 -5.44 -20.17 5.93
CA ALA A 268 -5.83 -19.37 7.08
C ALA A 268 -4.58 -18.80 7.75
N PRO A 269 -4.71 -17.67 8.44
CA PRO A 269 -3.55 -17.07 9.09
C PRO A 269 -3.02 -17.91 10.24
N ILE A 270 -1.74 -17.67 10.53
CA ILE A 270 -1.04 -18.30 11.65
C ILE A 270 -0.69 -17.22 12.66
N VAL A 271 -1.00 -17.46 13.93
CA VAL A 271 -0.56 -16.56 15.00
C VAL A 271 0.77 -17.07 15.53
N LEU A 272 1.74 -16.16 15.72
CA LEU A 272 3.09 -16.58 16.10
C LEU A 272 3.65 -15.65 17.16
N ALA A 273 4.04 -16.23 18.30
CA ALA A 273 4.72 -15.48 19.34
C ALA A 273 6.06 -16.13 19.64
N VAL A 274 7.14 -15.35 19.53
CA VAL A 274 8.50 -15.85 19.75
C VAL A 274 9.17 -14.96 20.78
N TYR A 275 9.68 -15.57 21.84
CA TYR A 275 10.42 -14.88 22.88
C TYR A 275 11.75 -15.60 23.08
N TYR A 276 12.82 -14.83 23.25
CA TYR A 276 14.14 -15.43 23.38
C TYR A 276 15.01 -14.57 24.28
N THR A 277 15.65 -15.21 25.28
CA THR A 277 16.47 -14.44 26.21
C THR A 277 17.66 -15.31 26.64
N GLN A 278 18.74 -14.66 27.06
CA GLN A 278 20.01 -15.35 27.28
C GLN A 278 20.46 -15.22 28.74
N THR A 279 21.53 -15.93 29.09
CA THR A 279 21.84 -16.11 30.50
C THR A 279 22.78 -15.04 31.07
N ARG A 280 23.57 -14.40 30.24
CA ARG A 280 24.57 -13.45 30.71
C ARG A 280 24.15 -12.03 30.38
N ALA A 281 24.47 -11.11 31.30
CA ALA A 281 24.18 -9.71 31.06
C ALA A 281 24.95 -9.18 29.85
N ASP A 282 26.13 -9.74 29.57
CA ASP A 282 26.91 -9.29 28.42
C ASP A 282 26.48 -9.93 27.10
N ALA A 283 25.40 -10.74 27.11
CA ALA A 283 24.96 -11.41 25.88
C ALA A 283 24.62 -10.40 24.80
N LYS A 284 24.91 -10.77 23.56
CA LYS A 284 24.57 -9.96 22.42
C LYS A 284 23.30 -10.50 21.77
N ALA A 285 22.49 -9.58 21.26
CA ALA A 285 21.31 -9.98 20.51
C ALA A 285 21.72 -10.92 19.37
N LYS A 286 20.93 -11.94 19.16
CA LYS A 286 21.09 -12.86 18.04
C LYS A 286 19.97 -12.55 17.06
N ASP A 287 20.31 -11.82 15.98
CA ASP A 287 19.32 -11.26 15.07
C ASP A 287 18.74 -12.28 14.10
N ASP A 288 19.07 -13.56 14.25
CA ASP A 288 18.64 -14.62 13.36
C ASP A 288 17.86 -15.73 14.06
N VAL A 289 17.80 -15.73 15.39
CA VAL A 289 17.15 -16.80 16.12
C VAL A 289 15.64 -16.77 15.91
N ILE A 290 15.04 -15.57 15.88
CA ILE A 290 13.60 -15.49 15.66
C ILE A 290 13.23 -15.99 14.28
N ALA A 291 14.01 -15.60 13.26
CA ALA A 291 13.73 -16.06 11.90
C ALA A 291 13.86 -17.58 11.81
N ALA A 292 14.87 -18.14 12.48
CA ALA A 292 15.03 -19.59 12.51
C ALA A 292 13.85 -20.27 13.17
N ALA A 293 13.36 -19.72 14.30
CA ALA A 293 12.20 -20.31 14.96
C ALA A 293 10.96 -20.19 14.10
N THR A 294 10.86 -19.11 13.32
CA THR A 294 9.73 -18.90 12.43
C THR A 294 9.71 -19.96 11.33
N ARG A 295 10.88 -20.28 10.77
CA ARG A 295 10.96 -21.35 9.78
C ARG A 295 10.51 -22.68 10.37
N ILE A 296 10.91 -22.98 11.60
CA ILE A 296 10.51 -24.24 12.22
C ILE A 296 9.01 -24.26 12.48
N ALA A 297 8.45 -23.15 12.97
CA ALA A 297 7.01 -23.09 13.20
C ALA A 297 6.24 -23.23 11.90
N SER A 298 6.71 -22.59 10.83
CA SER A 298 6.04 -22.68 9.54
C SER A 298 6.09 -24.11 9.00
N ALA A 299 7.23 -24.79 9.18
CA ALA A 299 7.34 -26.17 8.70
C ALA A 299 6.40 -27.10 9.45
N THR A 300 6.33 -26.95 10.77
CA THR A 300 5.44 -27.78 11.58
C THR A 300 3.98 -27.59 11.18
N LEU A 301 3.60 -26.37 10.78
CA LEU A 301 2.23 -26.05 10.46
C LEU A 301 1.94 -26.09 8.96
N ALA A 302 2.86 -26.62 8.15
CA ALA A 302 2.69 -26.62 6.71
C ALA A 302 1.53 -27.50 6.25
N ALA B 42 32.31 -1.40 -0.45
CA ALA B 42 31.50 -0.39 -1.12
C ALA B 42 30.93 -0.92 -2.44
N ALA B 43 29.66 -1.31 -2.41
CA ALA B 43 28.98 -1.80 -3.60
C ALA B 43 28.97 -0.70 -4.68
N PRO B 44 28.98 -1.08 -5.95
CA PRO B 44 28.93 -0.07 -7.01
C PRO B 44 27.69 0.80 -6.90
N ALA B 45 27.87 2.10 -7.13
CA ALA B 45 26.84 3.08 -6.86
C ALA B 45 26.10 3.57 -8.10
N SER B 46 26.55 3.18 -9.30
CA SER B 46 25.91 3.58 -10.53
C SER B 46 25.79 2.36 -11.43
N PHE B 47 24.89 2.45 -12.42
CA PHE B 47 24.79 1.38 -13.40
C PHE B 47 26.13 1.15 -14.10
N ALA B 48 26.83 2.23 -14.46
CA ALA B 48 28.10 2.10 -15.15
C ALA B 48 29.13 1.41 -14.26
N ALA B 49 29.16 1.76 -12.97
CA ALA B 49 30.10 1.14 -12.05
C ALA B 49 29.77 -0.32 -11.82
N LEU B 50 28.47 -0.64 -11.76
CA LEU B 50 28.06 -2.03 -11.60
C LEU B 50 28.45 -2.86 -12.82
N GLU B 51 28.22 -2.32 -14.01
CA GLU B 51 28.63 -3.01 -15.23
C GLU B 51 30.14 -3.26 -15.24
N ARG B 52 30.93 -2.27 -14.82
CA ARG B 52 32.37 -2.47 -14.77
C ARG B 52 32.75 -3.55 -13.78
N ALA B 53 32.12 -3.51 -12.59
CA ALA B 53 32.46 -4.47 -11.54
C ALA B 53 32.05 -5.88 -11.92
N ALA B 54 30.88 -6.06 -12.52
CA ALA B 54 30.39 -7.39 -12.86
C ALA B 54 30.91 -7.90 -14.18
N GLY B 55 31.41 -7.03 -15.05
CA GLY B 55 31.72 -7.43 -16.41
C GLY B 55 30.46 -7.61 -17.22
N GLY B 56 30.60 -7.82 -18.52
CA GLY B 56 29.44 -7.99 -19.36
C GLY B 56 28.76 -6.68 -19.74
N ARG B 57 27.47 -6.80 -20.06
CA ARG B 57 26.68 -5.70 -20.59
C ARG B 57 25.35 -5.62 -19.86
N LEU B 58 25.08 -4.46 -19.26
CA LEU B 58 23.91 -4.21 -18.43
C LEU B 58 22.96 -3.25 -19.14
N GLY B 59 21.67 -3.56 -19.12
CA GLY B 59 20.68 -2.66 -19.69
C GLY B 59 19.58 -2.38 -18.69
N VAL B 60 19.30 -1.12 -18.39
CA VAL B 60 18.27 -0.76 -17.42
C VAL B 60 17.39 0.34 -17.99
N CYS B 61 16.08 0.19 -17.84
CA CYS B 61 15.12 1.28 -18.01
C CYS B 61 14.16 1.26 -16.84
N ALA B 62 14.23 2.28 -15.99
CA ALA B 62 13.30 2.46 -14.88
C ALA B 62 12.55 3.77 -15.07
N ILE B 63 11.23 3.74 -14.87
CA ILE B 63 10.37 4.90 -15.08
C ILE B 63 9.57 5.15 -13.81
N ASP B 64 9.69 6.36 -13.26
CA ASP B 64 8.79 6.81 -12.20
C ASP B 64 7.52 7.31 -12.87
N THR B 65 6.41 6.58 -12.70
CA THR B 65 5.22 6.92 -13.47
C THR B 65 4.53 8.19 -12.99
N ALA B 66 4.91 8.71 -11.82
CA ALA B 66 4.38 10.00 -11.37
C ALA B 66 5.11 11.16 -12.03
N THR B 67 6.44 11.18 -11.93
CA THR B 67 7.24 12.31 -12.39
C THR B 67 7.73 12.16 -13.83
N GLY B 68 7.77 10.94 -14.35
CA GLY B 68 8.38 10.68 -15.62
C GLY B 68 9.89 10.60 -15.59
N ARG B 69 10.50 10.77 -14.42
CA ARG B 69 11.95 10.63 -14.30
C ARG B 69 12.34 9.18 -14.57
N ARG B 70 13.52 9.02 -15.17
CA ARG B 70 13.99 7.70 -15.56
C ARG B 70 15.38 7.45 -15.03
N ALA B 71 15.68 6.17 -14.82
CA ALA B 71 17.03 5.70 -14.58
C ALA B 71 17.38 4.79 -15.75
N LEU B 72 18.46 5.11 -16.46
CA LEU B 72 18.74 4.50 -17.74
C LEU B 72 20.19 4.06 -17.87
N HIS B 73 20.39 2.89 -18.48
CA HIS B 73 21.71 2.46 -18.90
C HIS B 73 21.52 1.56 -20.11
N ARG B 74 22.09 1.94 -21.25
CA ARG B 74 21.97 1.16 -22.48
C ARG B 74 20.50 0.81 -22.77
N ALA B 75 19.61 1.75 -22.49
CA ALA B 75 18.18 1.45 -22.51
C ALA B 75 17.66 1.22 -23.92
N ASP B 76 18.39 1.66 -24.93
CA ASP B 76 18.00 1.44 -26.32
C ASP B 76 18.88 0.42 -27.03
N GLU B 77 19.64 -0.36 -26.28
CA GLU B 77 20.38 -1.46 -26.87
C GLU B 77 19.57 -2.75 -26.79
N ARG B 78 19.78 -3.62 -27.77
CA ARG B 78 19.11 -4.91 -27.78
C ARG B 78 19.79 -5.89 -26.84
N PHE B 79 18.99 -6.67 -26.14
CA PHE B 79 19.43 -7.76 -25.28
C PHE B 79 18.59 -8.99 -25.58
N PRO B 80 19.17 -10.18 -25.42
CA PRO B 80 18.37 -11.41 -25.54
C PRO B 80 17.40 -11.48 -24.37
N PHE B 81 16.10 -11.51 -24.67
CA PHE B 81 15.15 -11.30 -23.58
C PHE B 81 14.86 -12.56 -22.77
N CYS B 82 15.14 -13.74 -23.32
CA CYS B 82 14.92 -14.99 -22.61
C CYS B 82 13.50 -15.02 -22.05
N SER B 83 13.29 -15.55 -20.84
CA SER B 83 11.91 -15.78 -20.43
C SER B 83 11.13 -14.51 -20.10
N THR B 84 11.74 -13.32 -20.15
CA THR B 84 10.92 -12.13 -19.96
C THR B 84 9.85 -12.00 -21.04
N PHE B 85 10.03 -12.65 -22.20
CA PHE B 85 9.00 -12.56 -23.24
C PHE B 85 7.68 -13.19 -22.79
N LYS B 86 7.70 -14.05 -21.77
CA LYS B 86 6.46 -14.71 -21.38
C LYS B 86 5.45 -13.71 -20.83
N ALA B 87 5.90 -12.55 -20.34
CA ALA B 87 4.96 -11.47 -20.03
C ALA B 87 4.19 -11.03 -21.27
N MET B 88 4.88 -10.95 -22.42
CA MET B 88 4.24 -10.57 -23.67
C MET B 88 3.36 -11.69 -24.20
N LEU B 89 3.83 -12.93 -24.06
CA LEU B 89 3.02 -14.07 -24.45
C LEU B 89 1.70 -14.09 -23.67
N GLY B 90 1.78 -13.93 -22.35
CA GLY B 90 0.57 -13.86 -21.55
C GLY B 90 -0.36 -12.75 -22.00
N ALA B 91 0.22 -11.56 -22.27
CA ALA B 91 -0.60 -10.46 -22.76
C ALA B 91 -1.23 -10.78 -24.12
N ALA B 92 -0.49 -11.45 -25.02
CA ALA B 92 -1.03 -11.77 -26.32
C ALA B 92 -2.18 -12.77 -26.22
N VAL B 93 -2.04 -13.77 -25.35
CA VAL B 93 -3.13 -14.72 -25.12
C VAL B 93 -4.35 -13.99 -24.60
N LEU B 94 -4.16 -13.12 -23.59
CA LEU B 94 -5.29 -12.38 -23.04
C LEU B 94 -5.92 -11.48 -24.10
N ALA B 95 -5.12 -10.88 -24.98
CA ALA B 95 -5.70 -10.03 -26.02
C ALA B 95 -6.56 -10.84 -26.99
N GLN B 96 -6.10 -12.04 -27.37
CA GLN B 96 -6.93 -12.89 -28.22
C GLN B 96 -8.21 -13.32 -27.52
N SER B 97 -8.18 -13.37 -26.19
CA SER B 97 -9.36 -13.79 -25.43
C SER B 97 -10.45 -12.72 -25.41
N VAL B 98 -10.16 -11.49 -25.85
CA VAL B 98 -11.21 -10.48 -25.92
C VAL B 98 -12.24 -10.85 -26.98
N ALA B 99 -11.78 -11.20 -28.19
CA ALA B 99 -12.73 -11.61 -29.22
C ALA B 99 -13.18 -13.06 -29.05
N HIS B 100 -12.39 -13.89 -28.38
CA HIS B 100 -12.71 -15.30 -28.19
C HIS B 100 -12.70 -15.59 -26.69
N PRO B 101 -13.75 -15.20 -25.97
CA PRO B 101 -13.71 -15.34 -24.51
C PRO B 101 -13.64 -16.77 -24.02
N GLY B 102 -13.86 -17.76 -24.88
CA GLY B 102 -13.66 -19.14 -24.48
C GLY B 102 -12.23 -19.61 -24.52
N LEU B 103 -11.30 -18.76 -24.94
CA LEU B 103 -9.92 -19.20 -25.19
C LEU B 103 -9.25 -19.72 -23.92
N LEU B 104 -9.41 -19.00 -22.80
CA LEU B 104 -8.68 -19.39 -21.59
C LEU B 104 -9.14 -20.74 -21.07
N GLN B 105 -10.38 -21.13 -21.37
CA GLN B 105 -10.93 -22.41 -20.93
C GLN B 105 -10.51 -23.58 -21.81
N GLN B 106 -10.01 -23.32 -23.01
CA GLN B 106 -9.73 -24.42 -23.93
C GLN B 106 -8.65 -25.34 -23.38
N ARG B 107 -8.89 -26.65 -23.50
CA ARG B 107 -7.97 -27.64 -22.97
C ARG B 107 -6.96 -28.05 -24.04
N VAL B 108 -5.68 -27.98 -23.68
CA VAL B 108 -4.56 -28.33 -24.54
C VAL B 108 -4.00 -29.66 -24.06
N THR B 109 -3.88 -30.61 -24.97
CA THR B 109 -3.31 -31.92 -24.66
C THR B 109 -2.00 -32.06 -25.44
N TYR B 110 -0.94 -32.41 -24.72
CA TYR B 110 0.39 -32.56 -25.29
C TYR B 110 0.94 -33.89 -24.82
N GLY B 111 2.05 -34.32 -25.41
CA GLY B 111 2.63 -35.61 -25.13
C GLY B 111 4.03 -35.47 -24.52
N ARG B 112 4.59 -36.62 -24.12
CA ARG B 112 5.92 -36.63 -23.54
C ARG B 112 6.95 -36.00 -24.47
N SER B 113 6.83 -36.25 -25.79
CA SER B 113 7.82 -35.73 -26.73
C SER B 113 7.65 -34.24 -26.97
N ASP B 114 6.56 -33.64 -26.49
CA ASP B 114 6.42 -32.19 -26.50
C ASP B 114 7.13 -31.51 -25.34
N LEU B 115 7.58 -32.28 -24.34
CA LEU B 115 8.20 -31.64 -23.19
C LEU B 115 9.59 -31.15 -23.56
N VAL B 116 9.92 -29.92 -23.18
CA VAL B 116 11.26 -29.40 -23.29
C VAL B 116 11.81 -29.18 -21.89
N ASN B 117 13.11 -28.89 -21.82
CA ASN B 117 13.77 -28.75 -20.54
C ASN B 117 13.11 -27.67 -19.68
N TYR B 118 13.07 -27.93 -18.38
CA TYR B 118 12.43 -27.10 -17.36
C TYR B 118 10.93 -26.91 -17.61
N SER B 119 10.17 -27.92 -17.25
CA SER B 119 8.71 -27.94 -17.43
C SER B 119 8.07 -28.44 -16.13
N PRO B 120 8.30 -27.73 -15.02
CA PRO B 120 7.93 -28.28 -13.70
C PRO B 120 6.44 -28.48 -13.51
N VAL B 121 5.60 -27.71 -14.19
CA VAL B 121 4.16 -27.87 -14.09
C VAL B 121 3.62 -28.77 -15.20
N THR B 122 3.99 -28.52 -16.45
CA THR B 122 3.39 -29.26 -17.55
C THR B 122 3.80 -30.73 -17.52
N GLU B 123 4.98 -31.05 -16.95
CA GLU B 123 5.37 -32.45 -16.93
C GLU B 123 4.48 -33.28 -16.01
N ARG B 124 3.70 -32.63 -15.14
CA ARG B 124 2.78 -33.34 -14.27
C ARG B 124 1.40 -33.56 -14.89
N HIS B 125 1.17 -33.06 -16.12
CA HIS B 125 -0.17 -33.09 -16.69
C HIS B 125 -0.16 -33.61 -18.12
N VAL B 126 0.80 -34.45 -18.47
CA VAL B 126 0.81 -35.08 -19.78
C VAL B 126 -0.48 -35.86 -20.00
N ASP B 127 -0.94 -36.54 -18.95
CA ASP B 127 -2.12 -37.39 -19.06
C ASP B 127 -3.40 -36.57 -19.19
N THR B 128 -3.53 -35.49 -18.41
CA THR B 128 -4.78 -34.76 -18.32
C THR B 128 -4.90 -33.58 -19.28
N GLY B 129 -3.79 -33.05 -19.76
CA GLY B 129 -3.81 -31.75 -20.41
C GLY B 129 -3.99 -30.62 -19.41
N MET B 130 -3.98 -29.40 -19.93
CA MET B 130 -4.13 -28.21 -19.12
C MET B 130 -4.92 -27.18 -19.92
N THR B 131 -5.64 -26.30 -19.21
CA THR B 131 -6.32 -25.23 -19.93
C THR B 131 -5.34 -24.14 -20.32
N VAL B 132 -5.75 -23.33 -21.29
CA VAL B 132 -4.93 -22.20 -21.71
C VAL B 132 -4.61 -21.30 -20.52
N ALA B 133 -5.60 -21.01 -19.66
CA ALA B 133 -5.33 -20.21 -18.47
C ALA B 133 -4.30 -20.87 -17.58
N GLU B 134 -4.41 -22.19 -17.39
CA GLU B 134 -3.44 -22.90 -16.55
C GLU B 134 -2.04 -22.84 -17.15
N LEU B 135 -1.95 -22.90 -18.48
CA LEU B 135 -0.64 -22.77 -19.12
C LEU B 135 -0.06 -21.38 -18.94
N CYS B 136 -0.91 -20.35 -19.00
CA CYS B 136 -0.44 -18.98 -18.77
C CYS B 136 0.12 -18.84 -17.36
N ALA B 137 -0.62 -19.35 -16.37
CA ALA B 137 -0.16 -19.27 -14.99
C ALA B 137 1.17 -20.00 -14.82
N ALA B 138 1.29 -21.19 -15.43
CA ALA B 138 2.52 -21.96 -15.30
C ALA B 138 3.70 -21.23 -15.94
N THR B 139 3.49 -20.64 -17.12
CA THR B 139 4.63 -20.03 -17.80
C THR B 139 5.04 -18.69 -17.18
N ILE B 140 4.09 -17.92 -16.63
CA ILE B 140 4.47 -16.66 -16.00
C ILE B 140 4.94 -16.89 -14.55
N GLN B 141 4.25 -17.74 -13.80
CA GLN B 141 4.59 -17.87 -12.38
C GLN B 141 5.78 -18.78 -12.14
N TYR B 142 5.97 -19.81 -12.96
CA TYR B 142 7.08 -20.74 -12.79
C TYR B 142 8.05 -20.73 -13.96
N SER B 143 7.77 -19.97 -15.02
CA SER B 143 8.59 -19.91 -16.23
C SER B 143 8.61 -21.25 -16.95
N ASP B 144 7.56 -22.04 -16.79
CA ASP B 144 7.45 -23.34 -17.45
C ASP B 144 7.64 -23.19 -18.96
N ASN B 145 8.56 -24.00 -19.52
CA ASN B 145 8.94 -23.83 -20.92
C ASN B 145 7.99 -24.52 -21.89
N THR B 146 7.57 -25.75 -21.61
CA THR B 146 6.57 -26.38 -22.47
C THR B 146 5.29 -25.57 -22.49
N ALA B 147 4.90 -25.00 -21.34
CA ALA B 147 3.69 -24.18 -21.30
C ALA B 147 3.77 -23.05 -22.31
N ALA B 148 4.93 -22.40 -22.43
CA ALA B 148 5.05 -21.32 -23.41
C ALA B 148 4.94 -21.84 -24.84
N ASN B 149 5.59 -22.98 -25.14
CA ASN B 149 5.50 -23.53 -26.48
C ASN B 149 4.08 -23.94 -26.82
N GLU B 150 3.36 -24.53 -25.85
CA GLU B 150 1.98 -24.93 -26.13
C GLU B 150 1.08 -23.71 -26.35
N LEU B 151 1.27 -22.65 -25.56
CA LEU B 151 0.50 -21.44 -25.81
C LEU B 151 0.81 -20.87 -27.20
N MET B 152 2.08 -20.90 -27.60
CA MET B 152 2.42 -20.32 -28.89
C MET B 152 1.86 -21.14 -30.04
N LYS B 153 1.84 -22.47 -29.90
CA LYS B 153 1.19 -23.31 -30.90
C LYS B 153 -0.27 -22.93 -31.06
N ARG B 154 -0.92 -22.59 -29.95
CA ARG B 154 -2.35 -22.29 -30.03
C ARG B 154 -2.61 -20.97 -30.74
N ILE B 155 -1.80 -19.94 -30.48
CA ILE B 155 -2.14 -18.59 -30.92
C ILE B 155 -1.39 -18.14 -32.17
N GLY B 156 -0.51 -18.95 -32.72
CA GLY B 156 0.15 -18.62 -33.96
C GLY B 156 1.65 -18.41 -33.91
N GLY B 157 2.32 -18.88 -32.85
CA GLY B 157 3.76 -18.99 -32.83
C GLY B 157 4.51 -17.70 -32.56
N PRO B 158 5.83 -17.75 -32.69
CA PRO B 158 6.63 -16.52 -32.47
C PRO B 158 6.13 -15.33 -33.28
N ALA B 159 5.67 -15.55 -34.51
CA ALA B 159 5.17 -14.44 -35.31
C ALA B 159 3.97 -13.78 -34.66
N ALA B 160 3.11 -14.55 -33.99
CA ALA B 160 1.92 -13.96 -33.36
C ALA B 160 2.28 -13.10 -32.15
N VAL B 161 3.31 -13.51 -31.39
CA VAL B 161 3.71 -12.67 -30.26
C VAL B 161 4.34 -11.38 -30.77
N THR B 162 5.14 -11.49 -31.83
CA THR B 162 5.74 -10.29 -32.40
C THR B 162 4.68 -9.35 -32.95
N ALA B 163 3.68 -9.91 -33.63
CA ALA B 163 2.58 -9.10 -34.15
C ALA B 163 1.85 -8.40 -33.01
N TYR B 164 1.63 -9.11 -31.90
CA TYR B 164 0.97 -8.48 -30.75
C TYR B 164 1.79 -7.31 -30.22
N ALA B 165 3.12 -7.50 -30.12
CA ALA B 165 3.99 -6.41 -29.70
C ALA B 165 3.80 -5.19 -30.59
N ARG B 166 3.79 -5.40 -31.91
CA ARG B 166 3.56 -4.27 -32.82
C ARG B 166 2.24 -3.59 -32.53
N SER B 167 1.22 -4.37 -32.17
CA SER B 167 -0.11 -3.81 -31.96
C SER B 167 -0.19 -2.91 -30.73
N ILE B 168 0.76 -3.00 -29.81
CA ILE B 168 0.78 -2.08 -28.68
C ILE B 168 1.91 -1.06 -28.82
N GLY B 169 2.42 -0.87 -30.03
CA GLY B 169 3.36 0.21 -30.29
C GLY B 169 4.82 -0.17 -30.15
N ASP B 170 5.13 -1.45 -29.95
CA ASP B 170 6.50 -1.93 -29.82
C ASP B 170 6.98 -2.37 -31.20
N ASP B 171 7.82 -1.55 -31.82
CA ASP B 171 8.43 -1.86 -33.10
C ASP B 171 9.79 -2.52 -32.97
N THR B 172 10.22 -2.83 -31.75
CA THR B 172 11.57 -3.29 -31.43
C THR B 172 11.62 -4.78 -31.13
N PHE B 173 10.72 -5.25 -30.28
CA PHE B 173 10.63 -6.65 -29.90
C PHE B 173 10.55 -7.57 -31.11
N ARG B 174 11.37 -8.62 -31.11
CA ARG B 174 11.20 -9.68 -32.09
C ARG B 174 11.38 -11.03 -31.42
N LEU B 175 10.35 -11.88 -31.54
CA LEU B 175 10.41 -13.26 -31.10
C LEU B 175 10.52 -14.13 -32.34
N ASP B 176 11.56 -14.95 -32.40
CA ASP B 176 11.92 -15.70 -33.60
C ASP B 176 11.88 -17.20 -33.41
N ARG B 177 12.19 -17.69 -32.21
CA ARG B 177 12.34 -19.12 -32.00
C ARG B 177 11.47 -19.54 -30.82
N TRP B 178 11.51 -20.82 -30.48
CA TRP B 178 10.71 -21.45 -29.44
C TRP B 178 11.59 -21.82 -28.26
N GLU B 179 10.98 -22.27 -27.17
CA GLU B 179 11.78 -22.78 -26.04
C GLU B 179 12.38 -24.12 -26.42
N THR B 180 13.64 -24.36 -26.02
CA THR B 180 14.49 -23.45 -25.25
C THR B 180 15.53 -22.72 -26.11
N GLU B 181 15.47 -22.97 -27.42
CA GLU B 181 16.46 -22.42 -28.34
C GLU B 181 16.50 -20.90 -28.32
N LEU B 182 15.38 -20.24 -28.01
CA LEU B 182 15.34 -18.79 -27.97
C LEU B 182 16.23 -18.20 -26.88
N ASN B 183 16.80 -19.03 -25.99
CA ASN B 183 17.67 -18.52 -24.93
C ASN B 183 19.15 -18.66 -25.25
N THR B 184 19.52 -18.91 -26.53
CA THR B 184 20.95 -19.09 -26.83
C THR B 184 21.76 -17.83 -26.56
N ALA B 185 21.13 -16.65 -26.66
CA ALA B 185 21.71 -15.39 -26.18
C ALA B 185 23.09 -15.12 -26.79
N LEU B 186 23.24 -15.43 -28.08
CA LEU B 186 24.53 -15.29 -28.74
C LEU B 186 24.91 -13.81 -28.87
N PRO B 187 26.14 -13.46 -28.55
CA PRO B 187 26.59 -12.07 -28.73
C PRO B 187 26.29 -11.55 -30.13
N GLY B 188 25.65 -10.37 -30.18
CA GLY B 188 25.33 -9.71 -31.42
C GLY B 188 24.10 -10.20 -32.16
N ASP B 189 23.61 -11.39 -31.85
CA ASP B 189 22.46 -11.97 -32.52
C ASP B 189 21.21 -11.13 -32.27
N LEU B 190 20.50 -10.79 -33.34
CA LEU B 190 19.26 -10.02 -33.23
C LEU B 190 18.06 -10.87 -32.87
N ARG B 191 18.14 -12.19 -33.04
CA ARG B 191 16.98 -13.03 -32.78
C ARG B 191 16.59 -12.97 -31.31
N ASP B 192 15.29 -12.94 -31.06
CA ASP B 192 14.75 -13.05 -29.70
C ASP B 192 15.31 -11.96 -28.79
N THR B 193 15.30 -10.72 -29.29
CA THR B 193 15.81 -9.57 -28.54
C THR B 193 14.77 -8.47 -28.41
N THR B 194 14.99 -7.62 -27.41
CA THR B 194 14.32 -6.32 -27.33
C THR B 194 15.24 -5.36 -26.58
N THR B 195 14.77 -4.15 -26.37
CA THR B 195 15.52 -3.18 -25.58
C THR B 195 14.87 -3.00 -24.22
N PRO B 196 15.63 -2.59 -23.21
CA PRO B 196 15.00 -2.29 -21.90
C PRO B 196 13.89 -1.25 -22.01
N ALA B 197 14.10 -0.20 -22.80
CA ALA B 197 13.10 0.85 -22.95
C ALA B 197 11.81 0.33 -23.58
N ALA B 198 11.94 -0.52 -24.62
CA ALA B 198 10.75 -1.03 -25.28
C ALA B 198 9.94 -1.91 -24.34
N MET B 199 10.62 -2.76 -23.55
CA MET B 199 9.88 -3.64 -22.65
C MET B 199 9.26 -2.85 -21.51
N ALA B 200 9.97 -1.86 -21.00
CA ALA B 200 9.41 -0.99 -19.97
C ALA B 200 8.16 -0.27 -20.47
N ALA B 201 8.20 0.23 -21.71
CA ALA B 201 7.02 0.88 -22.28
C ALA B 201 5.86 -0.10 -22.40
N ASN B 202 6.15 -1.35 -22.74
CA ASN B 202 5.09 -2.35 -22.84
C ASN B 202 4.45 -2.60 -21.49
N LEU B 203 5.29 -2.80 -20.46
CA LEU B 203 4.76 -3.02 -19.11
C LEU B 203 3.92 -1.83 -18.66
N ARG B 204 4.34 -0.62 -18.98
CA ARG B 204 3.60 0.55 -18.53
C ARG B 204 2.19 0.55 -19.12
N VAL B 205 2.07 0.34 -20.42
CA VAL B 205 0.75 0.41 -21.03
C VAL B 205 -0.07 -0.84 -20.70
N LEU B 206 0.58 -1.99 -20.49
CA LEU B 206 -0.15 -3.22 -20.21
C LEU B 206 -0.67 -3.24 -18.77
N VAL B 207 0.16 -2.82 -17.82
CA VAL B 207 -0.19 -2.92 -16.41
C VAL B 207 -0.90 -1.68 -15.91
N LEU B 208 -0.47 -0.50 -16.36
CA LEU B 208 -0.99 0.75 -15.85
C LEU B 208 -1.79 1.53 -16.87
N GLY B 209 -1.83 1.09 -18.13
CA GLY B 209 -2.57 1.73 -19.18
C GLY B 209 -3.77 0.91 -19.62
N ASP B 210 -4.25 1.21 -20.83
CA ASP B 210 -5.49 0.62 -21.34
C ASP B 210 -5.25 -0.32 -22.51
N ALA B 211 -4.06 -0.92 -22.60
CA ALA B 211 -3.80 -1.84 -23.71
C ALA B 211 -4.70 -3.06 -23.65
N LEU B 212 -5.04 -3.53 -22.45
CA LEU B 212 -5.98 -4.63 -22.24
C LEU B 212 -7.23 -4.11 -21.56
N PRO B 213 -8.38 -4.76 -21.78
CA PRO B 213 -9.58 -4.40 -21.01
C PRO B 213 -9.36 -4.69 -19.53
N PRO B 214 -10.17 -4.12 -18.64
CA PRO B 214 -9.88 -4.27 -17.20
C PRO B 214 -9.78 -5.70 -16.69
N ALA B 215 -10.61 -6.63 -17.16
CA ALA B 215 -10.54 -7.98 -16.61
C ALA B 215 -9.23 -8.66 -17.02
N GLN B 216 -8.83 -8.52 -18.28
CA GLN B 216 -7.57 -9.10 -18.74
C GLN B 216 -6.37 -8.39 -18.11
N ARG B 217 -6.44 -7.07 -17.96
CA ARG B 217 -5.40 -6.32 -17.27
C ARG B 217 -5.21 -6.84 -15.85
N ALA B 218 -6.31 -7.04 -15.12
CA ALA B 218 -6.20 -7.55 -13.77
C ALA B 218 -5.56 -8.94 -13.76
N GLN B 219 -5.89 -9.77 -14.77
CA GLN B 219 -5.33 -11.12 -14.82
C GLN B 219 -3.83 -11.09 -15.08
N LEU B 220 -3.36 -10.23 -15.97
CA LEU B 220 -1.93 -10.15 -16.23
C LEU B 220 -1.18 -9.71 -14.98
N ILE B 221 -1.72 -8.72 -14.28
CA ILE B 221 -1.13 -8.24 -13.03
C ILE B 221 -1.06 -9.36 -12.00
N GLU B 222 -2.16 -10.11 -11.85
CA GLU B 222 -2.18 -11.24 -10.91
C GLU B 222 -1.07 -12.24 -11.22
N TRP B 223 -0.91 -12.60 -12.50
CA TRP B 223 0.12 -13.58 -12.85
C TRP B 223 1.51 -13.04 -12.56
N LEU B 224 1.76 -11.77 -12.92
CA LEU B 224 3.09 -11.19 -12.67
C LEU B 224 3.38 -11.06 -11.17
N ARG B 225 2.38 -10.69 -10.37
CA ARG B 225 2.61 -10.62 -8.93
C ARG B 225 2.93 -11.99 -8.36
N GLY B 226 2.48 -13.05 -9.02
CA GLY B 226 2.68 -14.40 -8.53
C GLY B 226 3.94 -15.11 -8.99
N ASN B 227 4.94 -14.38 -9.51
CA ASN B 227 6.21 -15.01 -9.86
C ASN B 227 6.78 -15.72 -8.64
N LYS B 228 7.07 -17.02 -8.79
CA LYS B 228 7.62 -17.80 -7.71
C LYS B 228 9.11 -18.10 -7.87
N VAL B 229 9.70 -17.75 -9.02
CA VAL B 229 11.06 -18.16 -9.31
C VAL B 229 11.98 -16.94 -9.51
N GLY B 230 11.65 -15.80 -8.90
CA GLY B 230 12.48 -14.63 -9.03
C GLY B 230 12.85 -13.95 -7.73
N ASP B 231 12.92 -14.71 -6.64
CA ASP B 231 13.10 -14.11 -5.31
C ASP B 231 14.43 -13.38 -5.18
N LYS B 232 15.46 -13.80 -5.91
CA LYS B 232 16.78 -13.21 -5.78
C LYS B 232 17.03 -12.05 -6.76
N ALA B 233 16.03 -11.70 -7.57
CA ALA B 233 16.20 -10.70 -8.61
C ALA B 233 15.66 -9.34 -8.16
N ILE B 234 14.71 -8.75 -8.89
CA ILE B 234 14.17 -7.44 -8.51
C ILE B 234 13.62 -7.49 -7.08
N ARG B 235 12.99 -8.60 -6.71
CA ARG B 235 12.38 -8.70 -5.39
C ARG B 235 13.39 -8.58 -4.27
N ALA B 236 14.65 -8.93 -4.53
CA ALA B 236 15.67 -8.84 -3.50
C ALA B 236 16.28 -7.45 -3.41
N GLY B 237 16.01 -6.59 -4.38
CA GLY B 237 16.63 -5.28 -4.43
C GLY B 237 15.69 -4.12 -4.12
N VAL B 238 14.42 -4.40 -3.86
CA VAL B 238 13.48 -3.32 -3.53
C VAL B 238 13.39 -3.22 -2.02
N PRO B 239 13.11 -2.04 -1.46
CA PRO B 239 12.89 -1.93 -0.01
C PRO B 239 11.72 -2.80 0.43
N THR B 240 11.74 -3.18 1.71
CA THR B 240 10.62 -3.91 2.28
C THR B 240 9.35 -3.05 2.25
N GLY B 241 8.22 -3.72 2.04
CA GLY B 241 6.95 -3.05 1.88
C GLY B 241 6.56 -2.78 0.44
N TRP B 242 7.51 -2.82 -0.49
CA TRP B 242 7.21 -2.67 -1.90
C TRP B 242 6.59 -3.95 -2.44
N ARG B 243 5.57 -3.80 -3.28
CA ARG B 243 4.98 -4.93 -3.97
C ARG B 243 5.51 -5.00 -5.39
N VAL B 244 5.68 -6.23 -5.90
CA VAL B 244 6.32 -6.46 -7.18
C VAL B 244 5.47 -7.38 -8.04
N GLY B 245 5.32 -7.03 -9.30
CA GLY B 245 4.91 -8.00 -10.31
C GLY B 245 5.98 -8.05 -11.38
N ASP B 246 6.43 -9.24 -11.76
CA ASP B 246 7.62 -9.29 -12.60
C ASP B 246 7.70 -10.61 -13.34
N LYS B 247 8.53 -10.63 -14.37
CA LYS B 247 8.88 -11.86 -15.07
C LYS B 247 10.39 -11.90 -15.26
N THR B 248 11.02 -12.94 -14.71
CA THR B 248 12.44 -13.17 -14.82
C THR B 248 12.79 -13.89 -16.13
N GLY B 249 14.08 -13.89 -16.48
CA GLY B 249 14.55 -14.69 -17.59
C GLY B 249 16.01 -15.03 -17.41
N THR B 250 16.40 -16.20 -17.93
CA THR B 250 17.78 -16.66 -17.85
C THR B 250 18.15 -17.35 -19.15
N GLY B 251 19.42 -17.25 -19.52
CA GLY B 251 19.85 -17.93 -20.74
C GLY B 251 21.34 -18.16 -20.75
N ASP B 252 21.82 -18.60 -21.91
CA ASP B 252 23.24 -18.86 -22.09
C ASP B 252 24.01 -17.53 -22.03
N TYR B 253 25.34 -17.62 -22.12
CA TYR B 253 26.21 -16.45 -21.95
C TYR B 253 25.90 -15.75 -20.63
N GLY B 254 25.50 -16.52 -19.64
CA GLY B 254 25.29 -15.98 -18.30
C GLY B 254 24.25 -14.88 -18.26
N THR B 255 23.20 -15.02 -19.07
CA THR B 255 22.18 -13.98 -19.19
C THR B 255 21.18 -14.09 -18.05
N THR B 256 20.91 -12.97 -17.38
CA THR B 256 19.91 -12.92 -16.31
C THR B 256 19.16 -11.60 -16.46
N ASN B 257 17.83 -11.69 -16.59
CA ASN B 257 16.95 -10.56 -16.84
C ASN B 257 15.80 -10.57 -15.85
N ASP B 258 15.15 -9.42 -15.70
CA ASP B 258 13.93 -9.32 -14.90
C ASP B 258 13.22 -8.03 -15.28
N VAL B 259 11.90 -8.10 -15.54
CA VAL B 259 11.13 -6.91 -15.91
C VAL B 259 9.83 -6.91 -15.13
N GLY B 260 9.41 -5.74 -14.67
CA GLY B 260 8.16 -5.71 -13.92
C GLY B 260 7.74 -4.31 -13.52
N VAL B 261 6.78 -4.29 -12.61
CA VAL B 261 6.24 -3.06 -12.05
C VAL B 261 6.37 -3.13 -10.54
N LEU B 262 6.80 -2.04 -9.93
CA LEU B 262 7.05 -1.96 -8.49
C LEU B 262 6.12 -0.94 -7.89
N TRP B 263 5.42 -1.32 -6.81
CA TRP B 263 4.49 -0.42 -6.12
C TRP B 263 5.03 -0.06 -4.74
N PRO B 264 5.64 1.12 -4.59
CA PRO B 264 6.04 1.56 -3.24
C PRO B 264 4.82 1.93 -2.42
N PRO B 265 4.94 1.91 -1.08
CA PRO B 265 3.75 2.06 -0.21
C PRO B 265 2.90 3.30 -0.42
N SER B 266 3.49 4.49 -0.57
CA SER B 266 2.71 5.71 -0.70
C SER B 266 3.21 6.55 -1.87
N ARG B 267 3.66 5.89 -2.93
CA ARG B 267 4.18 6.53 -4.12
C ARG B 267 3.52 5.89 -5.36
N ALA B 268 3.63 6.57 -6.50
CA ALA B 268 3.23 5.98 -7.76
C ALA B 268 4.16 4.83 -8.12
N PRO B 269 3.67 3.87 -8.90
CA PRO B 269 4.51 2.72 -9.26
C PRO B 269 5.67 3.10 -10.16
N ILE B 270 6.69 2.25 -10.11
CA ILE B 270 7.89 2.36 -10.93
C ILE B 270 7.91 1.17 -11.87
N VAL B 271 8.11 1.42 -13.15
CA VAL B 271 8.30 0.35 -14.13
C VAL B 271 9.79 0.11 -14.25
N LEU B 272 10.21 -1.16 -14.25
CA LEU B 272 11.63 -1.49 -14.20
C LEU B 272 11.94 -2.65 -15.14
N ALA B 273 12.84 -2.43 -16.09
CA ALA B 273 13.32 -3.50 -16.97
C ALA B 273 14.83 -3.60 -16.85
N VAL B 274 15.31 -4.80 -16.49
CA VAL B 274 16.74 -5.05 -16.32
C VAL B 274 17.13 -6.24 -17.18
N TYR B 275 18.13 -6.05 -18.03
CA TYR B 275 18.70 -7.08 -18.88
C TYR B 275 20.20 -7.13 -18.65
N TYR B 276 20.77 -8.33 -18.61
CA TYR B 276 22.19 -8.46 -18.30
C TYR B 276 22.73 -9.70 -19.01
N THR B 277 23.83 -9.55 -19.73
CA THR B 277 24.39 -10.68 -20.45
C THR B 277 25.91 -10.56 -20.47
N GLN B 278 26.60 -11.68 -20.67
CA GLN B 278 28.04 -11.71 -20.47
C GLN B 278 28.73 -12.18 -21.75
N THR B 279 30.07 -12.08 -21.75
CA THR B 279 30.82 -12.20 -23.00
C THR B 279 31.21 -13.62 -23.36
N ARG B 280 31.31 -14.52 -22.37
CA ARG B 280 31.81 -15.86 -22.61
C ARG B 280 30.66 -16.87 -22.52
N ALA B 281 30.72 -17.87 -23.40
CA ALA B 281 29.74 -18.95 -23.32
C ALA B 281 29.83 -19.70 -21.99
N ASP B 282 31.03 -19.75 -21.41
CA ASP B 282 31.24 -20.38 -20.11
C ASP B 282 30.71 -19.55 -18.95
N ALA B 283 30.18 -18.35 -19.19
CA ALA B 283 29.81 -17.46 -18.09
C ALA B 283 28.74 -18.10 -17.21
N LYS B 284 28.81 -17.79 -15.92
CA LYS B 284 27.82 -18.27 -14.98
C LYS B 284 26.85 -17.14 -14.66
N ALA B 285 25.60 -17.53 -14.40
CA ALA B 285 24.60 -16.56 -13.97
C ALA B 285 25.08 -15.85 -12.71
N LYS B 286 24.90 -14.54 -12.69
CA LYS B 286 25.21 -13.72 -11.52
C LYS B 286 23.87 -13.36 -10.90
N ASP B 287 23.49 -14.10 -9.86
CA ASP B 287 22.14 -14.03 -9.30
C ASP B 287 21.92 -12.83 -8.40
N ASP B 288 22.87 -11.89 -8.38
CA ASP B 288 22.77 -10.68 -7.55
C ASP B 288 22.87 -9.38 -8.34
N VAL B 289 23.16 -9.44 -9.64
CA VAL B 289 23.36 -8.23 -10.42
C VAL B 289 22.04 -7.49 -10.62
N ILE B 290 20.95 -8.22 -10.85
CA ILE B 290 19.66 -7.56 -11.05
C ILE B 290 19.22 -6.86 -9.77
N ALA B 291 19.40 -7.51 -8.62
CA ALA B 291 19.05 -6.88 -7.36
C ALA B 291 19.88 -5.63 -7.12
N ALA B 292 21.17 -5.68 -7.46
CA ALA B 292 22.02 -4.50 -7.32
C ALA B 292 21.54 -3.37 -8.23
N ALA B 293 21.19 -3.68 -9.48
CA ALA B 293 20.68 -2.65 -10.39
C ALA B 293 19.37 -2.08 -9.91
N THR B 294 18.54 -2.91 -9.27
CA THR B 294 17.27 -2.47 -8.73
C THR B 294 17.48 -1.47 -7.61
N ARG B 295 18.44 -1.74 -6.73
CA ARG B 295 18.77 -0.79 -5.67
C ARG B 295 19.21 0.55 -6.25
N ILE B 296 20.00 0.53 -7.33
CA ILE B 296 20.48 1.76 -7.93
C ILE B 296 19.32 2.52 -8.58
N ALA B 297 18.46 1.81 -9.30
CA ALA B 297 17.29 2.44 -9.91
C ALA B 297 16.38 3.03 -8.86
N SER B 298 16.19 2.31 -7.75
CA SER B 298 15.32 2.82 -6.68
C SER B 298 15.91 4.06 -6.04
N ALA B 299 17.24 4.09 -5.87
CA ALA B 299 17.87 5.26 -5.27
C ALA B 299 17.73 6.49 -6.18
N THR B 300 17.96 6.30 -7.48
CA THR B 300 17.85 7.38 -8.44
C THR B 300 16.44 7.98 -8.46
N LEU B 301 15.43 7.15 -8.29
CA LEU B 301 14.04 7.58 -8.35
C LEU B 301 13.43 7.84 -6.98
N ALA B 302 14.24 7.89 -5.93
CA ALA B 302 13.70 8.08 -4.57
C ALA B 302 13.05 9.45 -4.38
N ALA C 42 -31.31 35.03 17.13
CA ALA C 42 -29.90 35.37 16.95
C ALA C 42 -29.08 34.13 16.59
N ALA C 43 -28.74 34.02 15.30
CA ALA C 43 -27.92 32.90 14.83
C ALA C 43 -26.54 32.95 15.49
N PRO C 44 -25.92 31.79 15.70
CA PRO C 44 -24.57 31.78 16.28
C PRO C 44 -23.61 32.64 15.46
N ALA C 45 -22.76 33.39 16.17
CA ALA C 45 -21.89 34.37 15.54
C ALA C 45 -20.44 33.93 15.42
N SER C 46 -20.08 32.77 15.95
CA SER C 46 -18.73 32.26 15.88
C SER C 46 -18.79 30.77 15.57
N PHE C 47 -17.67 30.24 15.08
CA PHE C 47 -17.60 28.80 14.84
C PHE C 47 -17.86 28.02 16.12
N ALA C 48 -17.32 28.49 17.25
CA ALA C 48 -17.51 27.78 18.50
C ALA C 48 -18.97 27.80 18.92
N ALA C 49 -19.64 28.94 18.73
CA ALA C 49 -21.04 29.04 19.10
C ALA C 49 -21.92 28.19 18.18
N LEU C 50 -21.57 28.13 16.90
CA LEU C 50 -22.30 27.29 15.96
C LEU C 50 -22.17 25.82 16.31
N GLU C 51 -20.94 25.40 16.61
CA GLU C 51 -20.72 24.01 17.02
C GLU C 51 -21.52 23.67 18.28
N ARG C 52 -21.57 24.58 19.24
CA ARG C 52 -22.38 24.34 20.44
C ARG C 52 -23.86 24.25 20.10
N ALA C 53 -24.35 25.15 19.24
CA ALA C 53 -25.77 25.19 18.92
C ALA C 53 -26.19 23.96 18.12
N ALA C 54 -25.35 23.53 17.18
CA ALA C 54 -25.70 22.40 16.32
C ALA C 54 -25.35 21.05 16.93
N GLY C 55 -24.46 21.02 17.92
CA GLY C 55 -23.94 19.76 18.41
C GLY C 55 -22.94 19.17 17.44
N GLY C 56 -22.25 18.11 17.83
CA GLY C 56 -21.29 17.50 16.93
C GLY C 56 -19.97 18.26 16.90
N ARG C 57 -19.25 18.10 15.79
CA ARG C 57 -17.89 18.58 15.66
C ARG C 57 -17.73 19.28 14.32
N LEU C 58 -17.29 20.53 14.36
CA LEU C 58 -17.18 21.41 13.20
C LEU C 58 -15.72 21.69 12.92
N GLY C 59 -15.33 21.64 11.66
CA GLY C 59 -13.97 22.00 11.29
C GLY C 59 -13.98 22.98 10.14
N VAL C 60 -13.29 24.12 10.29
CA VAL C 60 -13.27 25.13 9.24
C VAL C 60 -11.84 25.62 9.03
N CYS C 61 -11.46 25.76 7.76
CA CYS C 61 -10.26 26.50 7.39
C CYS C 61 -10.63 27.41 6.22
N ALA C 62 -10.62 28.73 6.46
CA ALA C 62 -10.84 29.71 5.42
C ALA C 62 -9.60 30.57 5.29
N ILE C 63 -9.15 30.81 4.07
CA ILE C 63 -7.93 31.58 3.81
C ILE C 63 -8.27 32.73 2.87
N ASP C 64 -7.97 33.96 3.29
CA ASP C 64 -8.01 35.10 2.38
C ASP C 64 -6.69 35.11 1.63
N THR C 65 -6.73 34.84 0.32
CA THR C 65 -5.49 34.66 -0.41
C THR C 65 -4.73 35.97 -0.64
N ALA C 66 -5.37 37.13 -0.43
CA ALA C 66 -4.65 38.40 -0.55
C ALA C 66 -3.87 38.72 0.72
N THR C 67 -4.52 38.65 1.88
CA THR C 67 -3.90 39.05 3.13
C THR C 67 -3.25 37.90 3.87
N GLY C 68 -3.69 36.66 3.61
CA GLY C 68 -3.25 35.52 4.38
C GLY C 68 -4.01 35.32 5.67
N ARG C 69 -4.94 36.22 6.01
CA ARG C 69 -5.78 36.04 7.19
C ARG C 69 -6.61 34.77 7.05
N ARG C 70 -6.85 34.12 8.18
CA ARG C 70 -7.56 32.86 8.21
C ARG C 70 -8.69 32.92 9.21
N ALA C 71 -9.74 32.15 8.94
CA ALA C 71 -10.78 31.83 9.90
C ALA C 71 -10.71 30.34 10.16
N LEU C 72 -10.52 29.95 11.43
CA LEU C 72 -10.15 28.59 11.78
C LEU C 72 -11.00 28.04 12.91
N HIS C 73 -11.38 26.78 12.79
CA HIS C 73 -11.94 26.03 13.92
C HIS C 73 -11.57 24.58 13.72
N ARG C 74 -10.86 23.98 14.68
CA ARG C 74 -10.45 22.57 14.59
C ARG C 74 -9.78 22.29 13.24
N ALA C 75 -9.02 23.26 12.74
CA ALA C 75 -8.52 23.19 11.37
C ALA C 75 -7.49 22.09 11.19
N ASP C 76 -6.89 21.60 12.27
CA ASP C 76 -5.91 20.53 12.18
C ASP C 76 -6.42 19.21 12.75
N GLU C 77 -7.74 19.08 12.94
CA GLU C 77 -8.33 17.81 13.32
C GLU C 77 -8.77 17.04 12.09
N ARG C 78 -8.72 15.72 12.19
CA ARG C 78 -9.19 14.86 11.10
C ARG C 78 -10.70 14.77 11.10
N PHE C 79 -11.28 14.76 9.90
CA PHE C 79 -12.70 14.56 9.67
C PHE C 79 -12.86 13.55 8.53
N PRO C 80 -13.94 12.78 8.54
CA PRO C 80 -14.24 11.91 7.39
C PRO C 80 -14.63 12.78 6.21
N PHE C 81 -13.84 12.70 5.14
CA PHE C 81 -14.02 13.69 4.08
C PHE C 81 -15.17 13.37 3.13
N CYS C 82 -15.65 12.13 3.08
CA CYS C 82 -16.75 11.75 2.20
C CYS C 82 -16.51 12.29 0.79
N SER C 83 -17.54 12.77 0.09
CA SER C 83 -17.31 13.03 -1.34
C SER C 83 -16.44 14.25 -1.62
N THR C 84 -15.97 14.99 -0.62
CA THR C 84 -15.02 16.06 -0.95
C THR C 84 -13.74 15.49 -1.56
N PHE C 85 -13.44 14.19 -1.36
CA PHE C 85 -12.24 13.65 -1.96
C PHE C 85 -12.31 13.63 -3.48
N LYS C 86 -13.52 13.74 -4.05
CA LYS C 86 -13.63 13.70 -5.51
C LYS C 86 -12.94 14.89 -6.17
N ALA C 87 -12.77 16.00 -5.46
CA ALA C 87 -11.93 17.08 -5.98
C ALA C 87 -10.49 16.60 -6.15
N MET C 88 -9.99 15.80 -5.20
CA MET C 88 -8.64 15.27 -5.30
C MET C 88 -8.56 14.17 -6.36
N LEU C 89 -9.60 13.37 -6.48
CA LEU C 89 -9.64 12.36 -7.53
C LEU C 89 -9.58 13.00 -8.91
N GLY C 90 -10.41 14.03 -9.13
CA GLY C 90 -10.34 14.76 -10.39
C GLY C 90 -8.96 15.32 -10.65
N ALA C 91 -8.34 15.91 -9.61
CA ALA C 91 -6.99 16.43 -9.76
C ALA C 91 -6.00 15.33 -10.12
N ALA C 92 -6.13 14.15 -9.51
CA ALA C 92 -5.19 13.06 -9.76
C ALA C 92 -5.34 12.55 -11.20
N VAL C 93 -6.57 12.43 -11.68
CA VAL C 93 -6.79 12.03 -13.07
C VAL C 93 -6.15 13.05 -14.01
N LEU C 94 -6.42 14.33 -13.77
CA LEU C 94 -5.84 15.37 -14.62
C LEU C 94 -4.32 15.34 -14.58
N ALA C 95 -3.73 15.06 -13.40
CA ALA C 95 -2.27 15.01 -13.34
C ALA C 95 -1.72 13.84 -14.15
N GLN C 96 -2.38 12.68 -14.10
CA GLN C 96 -1.95 11.56 -14.93
C GLN C 96 -2.10 11.87 -16.41
N SER C 97 -3.03 12.75 -16.76
CA SER C 97 -3.25 13.10 -18.16
C SER C 97 -2.15 13.98 -18.73
N VAL C 98 -1.24 14.51 -17.89
CA VAL C 98 -0.15 15.32 -18.43
C VAL C 98 0.82 14.45 -19.21
N ALA C 99 1.22 13.32 -18.63
CA ALA C 99 2.10 12.39 -19.36
C ALA C 99 1.34 11.50 -20.33
N HIS C 100 0.04 11.30 -20.13
CA HIS C 100 -0.79 10.47 -21.01
C HIS C 100 -1.96 11.30 -21.48
N PRO C 101 -1.74 12.17 -22.47
CA PRO C 101 -2.81 13.11 -22.87
C PRO C 101 -4.03 12.42 -23.48
N GLY C 102 -3.96 11.15 -23.82
CA GLY C 102 -5.13 10.42 -24.27
C GLY C 102 -6.02 9.92 -23.17
N LEU C 103 -5.66 10.15 -21.91
CA LEU C 103 -6.36 9.51 -20.79
C LEU C 103 -7.82 9.96 -20.72
N LEU C 104 -8.08 11.28 -20.83
CA LEU C 104 -9.45 11.76 -20.68
C LEU C 104 -10.39 11.21 -21.73
N GLN C 105 -9.87 10.83 -22.90
CA GLN C 105 -10.68 10.31 -24.00
C GLN C 105 -10.97 8.82 -23.86
N GLN C 106 -10.24 8.11 -23.00
CA GLN C 106 -10.39 6.66 -22.94
C GLN C 106 -11.80 6.28 -22.47
N ARG C 107 -12.39 5.31 -23.16
CA ARG C 107 -13.75 4.88 -22.85
C ARG C 107 -13.71 3.74 -21.84
N VAL C 108 -14.51 3.90 -20.79
CA VAL C 108 -14.60 2.95 -19.68
C VAL C 108 -15.95 2.26 -19.80
N THR C 109 -15.95 0.93 -19.85
CA THR C 109 -17.19 0.16 -19.89
C THR C 109 -17.35 -0.59 -18.58
N TYR C 110 -18.53 -0.47 -17.97
CA TYR C 110 -18.84 -1.11 -16.71
C TYR C 110 -20.20 -1.78 -16.85
N GLY C 111 -20.56 -2.60 -15.85
CA GLY C 111 -21.78 -3.37 -15.89
C GLY C 111 -22.72 -2.99 -14.75
N ARG C 112 -23.93 -3.58 -14.81
CA ARG C 112 -24.93 -3.32 -13.78
C ARG C 112 -24.39 -3.63 -12.39
N SER C 113 -23.61 -4.70 -12.25
CA SER C 113 -23.11 -5.07 -10.94
C SER C 113 -21.97 -4.19 -10.46
N ASP C 114 -21.45 -3.32 -11.33
CA ASP C 114 -20.53 -2.29 -10.89
C ASP C 114 -21.24 -1.09 -10.30
N LEU C 115 -22.55 -0.96 -10.46
CA LEU C 115 -23.23 0.23 -9.97
C LEU C 115 -23.32 0.18 -8.45
N VAL C 116 -22.98 1.28 -7.79
CA VAL C 116 -23.20 1.43 -6.36
C VAL C 116 -24.24 2.51 -6.16
N ASN C 117 -24.69 2.66 -4.91
CA ASN C 117 -25.79 3.57 -4.61
C ASN C 117 -25.43 5.00 -5.00
N TYR C 118 -26.45 5.73 -5.47
CA TYR C 118 -26.33 7.10 -5.99
C TYR C 118 -25.36 7.20 -7.16
N SER C 119 -25.85 6.84 -8.34
CA SER C 119 -25.09 6.86 -9.59
C SER C 119 -25.96 7.47 -10.68
N PRO C 120 -26.38 8.72 -10.50
CA PRO C 120 -27.42 9.28 -11.39
C PRO C 120 -26.99 9.41 -12.83
N VAL C 121 -25.69 9.56 -13.10
CA VAL C 121 -25.22 9.66 -14.47
C VAL C 121 -24.77 8.30 -15.00
N THR C 122 -23.97 7.57 -14.23
CA THR C 122 -23.41 6.33 -14.76
C THR C 122 -24.49 5.28 -14.97
N GLU C 123 -25.57 5.33 -14.21
CA GLU C 123 -26.62 4.32 -14.39
C GLU C 123 -27.32 4.46 -15.74
N ARG C 124 -27.16 5.60 -16.39
CA ARG C 124 -27.76 5.83 -17.71
C ARG C 124 -26.85 5.39 -18.85
N HIS C 125 -25.65 4.88 -18.55
CA HIS C 125 -24.68 4.58 -19.61
C HIS C 125 -24.03 3.22 -19.43
N VAL C 126 -24.74 2.28 -18.82
CA VAL C 126 -24.21 0.92 -18.69
C VAL C 126 -23.91 0.34 -20.06
N ASP C 127 -24.78 0.61 -21.04
CA ASP C 127 -24.61 -0.02 -22.35
C ASP C 127 -23.53 0.63 -23.19
N THR C 128 -23.37 1.96 -23.11
CA THR C 128 -22.46 2.67 -23.98
C THR C 128 -21.08 2.91 -23.37
N GLY C 129 -20.95 2.85 -22.04
CA GLY C 129 -19.75 3.30 -21.39
C GLY C 129 -19.67 4.82 -21.36
N MET C 130 -18.59 5.31 -20.76
CA MET C 130 -18.35 6.75 -20.65
C MET C 130 -16.85 7.01 -20.76
N THR C 131 -16.49 8.20 -21.25
CA THR C 131 -15.08 8.53 -21.27
C THR C 131 -14.62 8.93 -19.87
N VAL C 132 -13.31 8.87 -19.66
CA VAL C 132 -12.72 9.30 -18.40
C VAL C 132 -13.13 10.73 -18.09
N ALA C 133 -13.10 11.63 -19.08
CA ALA C 133 -13.53 13.01 -18.83
C ALA C 133 -14.99 13.06 -18.40
N GLU C 134 -15.85 12.27 -19.03
CA GLU C 134 -17.26 12.25 -18.67
C GLU C 134 -17.46 11.73 -17.26
N LEU C 135 -16.65 10.74 -16.84
CA LEU C 135 -16.72 10.25 -15.47
C LEU C 135 -16.27 11.32 -14.47
N CYS C 136 -15.24 12.09 -14.82
CA CYS C 136 -14.78 13.17 -13.95
C CYS C 136 -15.89 14.20 -13.76
N ALA C 137 -16.50 14.62 -14.86
CA ALA C 137 -17.59 15.58 -14.78
C ALA C 137 -18.73 15.04 -13.94
N ALA C 138 -19.07 13.76 -14.12
CA ALA C 138 -20.18 13.19 -13.35
C ALA C 138 -19.86 13.13 -11.87
N THR C 139 -18.63 12.77 -11.52
CA THR C 139 -18.32 12.60 -10.11
C THR C 139 -18.12 13.93 -9.40
N ILE C 140 -17.62 14.96 -10.08
CA ILE C 140 -17.47 16.25 -9.43
C ILE C 140 -18.77 17.06 -9.47
N GLN C 141 -19.48 17.05 -10.59
CA GLN C 141 -20.66 17.90 -10.71
C GLN C 141 -21.89 17.30 -10.05
N TYR C 142 -22.03 15.98 -10.07
CA TYR C 142 -23.19 15.34 -9.47
C TYR C 142 -22.84 14.42 -8.31
N SER C 143 -21.55 14.25 -8.01
CA SER C 143 -21.08 13.38 -6.94
C SER C 143 -21.41 11.91 -7.22
N ASP C 144 -21.50 11.57 -8.51
CA ASP C 144 -21.80 10.21 -8.93
C ASP C 144 -20.79 9.22 -8.33
N ASN C 145 -21.29 8.18 -7.67
CA ASN C 145 -20.43 7.28 -6.90
C ASN C 145 -19.75 6.22 -7.77
N THR C 146 -20.49 5.57 -8.69
CA THR C 146 -19.84 4.63 -9.59
C THR C 146 -18.77 5.32 -10.42
N ALA C 147 -19.03 6.56 -10.85
CA ALA C 147 -18.03 7.30 -11.60
C ALA C 147 -16.72 7.39 -10.83
N ALA C 148 -16.78 7.65 -9.52
CA ALA C 148 -15.53 7.72 -8.75
C ALA C 148 -14.84 6.36 -8.69
N ASN C 149 -15.61 5.28 -8.47
CA ASN C 149 -15.00 3.95 -8.41
C ASN C 149 -14.38 3.58 -9.75
N GLU C 150 -15.06 3.91 -10.86
CA GLU C 150 -14.48 3.58 -12.16
C GLU C 150 -13.22 4.38 -12.43
N LEU C 151 -13.19 5.66 -12.07
CA LEU C 151 -11.96 6.42 -12.22
C LEU C 151 -10.84 5.84 -11.37
N MET C 152 -11.15 5.41 -10.15
CA MET C 152 -10.11 4.88 -9.29
C MET C 152 -9.59 3.54 -9.82
N LYS C 153 -10.48 2.71 -10.38
CA LYS C 153 -10.03 1.48 -11.02
C LYS C 153 -9.03 1.78 -12.12
N ARG C 154 -9.25 2.86 -12.87
CA ARG C 154 -8.37 3.16 -13.99
C ARG C 154 -7.00 3.62 -13.52
N ILE C 155 -6.93 4.45 -12.47
CA ILE C 155 -5.69 5.13 -12.14
C ILE C 155 -4.93 4.50 -10.99
N GLY C 156 -5.45 3.45 -10.36
CA GLY C 156 -4.68 2.80 -9.31
C GLY C 156 -5.28 2.80 -7.91
N GLY C 157 -6.57 3.11 -7.81
CA GLY C 157 -7.31 2.92 -6.58
C GLY C 157 -7.04 3.95 -5.49
N PRO C 158 -7.55 3.67 -4.30
CA PRO C 158 -7.34 4.63 -3.18
C PRO C 158 -5.88 4.97 -2.96
N ALA C 159 -4.97 4.01 -3.11
CA ALA C 159 -3.56 4.30 -2.93
C ALA C 159 -3.07 5.35 -3.92
N ALA C 160 -3.59 5.35 -5.14
CA ALA C 160 -3.14 6.31 -6.13
C ALA C 160 -3.60 7.72 -5.82
N VAL C 161 -4.82 7.89 -5.28
CA VAL C 161 -5.24 9.21 -4.88
C VAL C 161 -4.43 9.71 -3.70
N THR C 162 -4.15 8.81 -2.75
CA THR C 162 -3.32 9.20 -1.61
C THR C 162 -1.92 9.59 -2.07
N ALA C 163 -1.34 8.82 -2.99
CA ALA C 163 -0.02 9.15 -3.52
C ALA C 163 -0.03 10.51 -4.20
N TYR C 164 -1.10 10.80 -4.95
CA TYR C 164 -1.20 12.11 -5.59
C TYR C 164 -1.23 13.23 -4.55
N ALA C 165 -1.99 13.03 -3.47
CA ALA C 165 -2.02 14.02 -2.40
C ALA C 165 -0.62 14.29 -1.85
N ARG C 166 0.14 13.23 -1.58
CA ARG C 166 1.52 13.40 -1.14
C ARG C 166 2.32 14.22 -2.14
N SER C 167 2.04 14.03 -3.44
CA SER C 167 2.83 14.69 -4.46
C SER C 167 2.62 16.19 -4.50
N ILE C 168 1.51 16.70 -3.94
CA ILE C 168 1.31 18.13 -3.85
C ILE C 168 1.50 18.64 -2.43
N GLY C 169 2.19 17.88 -1.59
CA GLY C 169 2.57 18.35 -0.27
C GLY C 169 1.59 18.04 0.84
N ASP C 170 0.59 17.21 0.58
CA ASP C 170 -0.41 16.84 1.57
C ASP C 170 0.02 15.52 2.20
N ASP C 171 0.52 15.58 3.43
CA ASP C 171 0.94 14.41 4.17
C ASP C 171 -0.15 13.88 5.11
N THR C 172 -1.34 14.48 5.05
CA THR C 172 -2.43 14.24 5.99
C THR C 172 -3.53 13.40 5.39
N PHE C 173 -3.96 13.74 4.17
CA PHE C 173 -5.02 13.03 3.46
C PHE C 173 -4.72 11.53 3.37
N ARG C 174 -5.72 10.72 3.69
CA ARG C 174 -5.61 9.28 3.40
C ARG C 174 -6.93 8.77 2.87
N LEU C 175 -6.90 8.21 1.65
CA LEU C 175 -8.04 7.52 1.07
C LEU C 175 -7.76 6.02 1.14
N ASP C 176 -8.68 5.30 1.77
CA ASP C 176 -8.49 3.90 2.10
C ASP C 176 -9.50 2.97 1.46
N ARG C 177 -10.71 3.42 1.23
CA ARG C 177 -11.80 2.56 0.78
C ARG C 177 -12.43 3.17 -0.46
N TRP C 178 -13.45 2.49 -0.99
CA TRP C 178 -14.14 2.84 -2.21
C TRP C 178 -15.55 3.31 -1.88
N GLU C 179 -16.27 3.81 -2.88
CA GLU C 179 -17.67 4.15 -2.66
C GLU C 179 -18.49 2.87 -2.54
N THR C 180 -19.47 2.87 -1.63
CA THR C 180 -19.82 3.97 -0.72
C THR C 180 -19.29 3.78 0.71
N GLU C 181 -18.54 2.69 0.92
CA GLU C 181 -18.04 2.34 2.24
C GLU C 181 -17.16 3.43 2.85
N LEU C 182 -16.49 4.23 2.02
CA LEU C 182 -15.64 5.29 2.52
C LEU C 182 -16.41 6.38 3.25
N ASN C 183 -17.75 6.35 3.22
CA ASN C 183 -18.54 7.37 3.90
C ASN C 183 -19.07 6.90 5.26
N THR C 184 -18.53 5.81 5.82
CA THR C 184 -19.07 5.32 7.09
C THR C 184 -18.87 6.32 8.22
N ALA C 185 -17.82 7.14 8.15
CA ALA C 185 -17.65 8.29 9.03
C ALA C 185 -17.70 7.92 10.51
N LEU C 186 -17.10 6.77 10.85
CA LEU C 186 -17.15 6.27 12.22
C LEU C 186 -16.36 7.19 13.15
N PRO C 187 -16.92 7.56 14.29
CA PRO C 187 -16.17 8.40 15.24
C PRO C 187 -14.80 7.82 15.56
N GLY C 188 -13.77 8.67 15.43
CA GLY C 188 -12.41 8.29 15.73
C GLY C 188 -11.66 7.56 14.64
N ASP C 189 -12.36 6.97 13.68
CA ASP C 189 -11.73 6.22 12.60
C ASP C 189 -10.83 7.13 11.75
N LEU C 190 -9.59 6.69 11.52
CA LEU C 190 -8.65 7.44 10.71
C LEU C 190 -8.86 7.22 9.21
N ARG C 191 -9.56 6.15 8.83
CA ARG C 191 -9.70 5.84 7.42
C ARG C 191 -10.48 6.95 6.71
N ASP C 192 -10.04 7.29 5.49
CA ASP C 192 -10.77 8.21 4.62
C ASP C 192 -11.00 9.56 5.29
N THR C 193 -9.93 10.09 5.89
CA THR C 193 -9.98 11.37 6.58
C THR C 193 -8.94 12.35 6.05
N THR C 194 -9.18 13.63 6.34
CA THR C 194 -8.16 14.66 6.22
C THR C 194 -8.51 15.77 7.21
N THR C 195 -7.73 16.85 7.18
CA THR C 195 -8.03 18.02 8.01
C THR C 195 -8.54 19.15 7.14
N PRO C 196 -9.34 20.07 7.71
CA PRO C 196 -9.73 21.26 6.94
C PRO C 196 -8.55 22.03 6.39
N ALA C 197 -7.49 22.21 7.17
CA ALA C 197 -6.33 22.96 6.71
C ALA C 197 -5.63 22.26 5.55
N ALA C 198 -5.50 20.92 5.61
CA ALA C 198 -4.83 20.21 4.52
C ALA C 198 -5.62 20.32 3.22
N MET C 199 -6.95 20.21 3.30
CA MET C 199 -7.74 20.29 2.08
C MET C 199 -7.75 21.72 1.54
N ALA C 200 -7.81 22.72 2.43
CA ALA C 200 -7.72 24.10 1.97
C ALA C 200 -6.40 24.37 1.27
N ALA C 201 -5.30 23.88 1.82
CA ALA C 201 -4.00 24.05 1.17
C ALA C 201 -3.98 23.39 -0.21
N ASN C 202 -4.61 22.22 -0.33
CA ASN C 202 -4.66 21.55 -1.62
C ASN C 202 -5.42 22.39 -2.63
N LEU C 203 -6.60 22.89 -2.23
CA LEU C 203 -7.40 23.71 -3.14
C LEU C 203 -6.65 24.96 -3.55
N ARG C 204 -5.90 25.56 -2.62
CA ARG C 204 -5.17 26.78 -2.96
C ARG C 204 -4.14 26.51 -4.05
N VAL C 205 -3.34 25.45 -3.90
CA VAL C 205 -2.30 25.22 -4.89
C VAL C 205 -2.88 24.66 -6.19
N LEU C 206 -4.00 23.92 -6.11
CA LEU C 206 -4.58 23.32 -7.30
C LEU C 206 -5.34 24.35 -8.14
N VAL C 207 -6.11 25.22 -7.49
CA VAL C 207 -6.95 26.16 -8.22
C VAL C 207 -6.22 27.47 -8.48
N LEU C 208 -5.41 27.94 -7.54
CA LEU C 208 -4.78 29.24 -7.66
C LEU C 208 -3.27 29.16 -7.81
N GLY C 209 -2.67 27.97 -7.66
CA GLY C 209 -1.26 27.78 -7.81
C GLY C 209 -0.90 27.02 -9.06
N ASP C 210 0.30 26.44 -9.06
CA ASP C 210 0.86 25.79 -10.25
C ASP C 210 0.94 24.27 -10.10
N ALA C 211 0.10 23.66 -9.27
CA ALA C 211 0.16 22.20 -9.09
C ALA C 211 -0.18 21.47 -10.39
N LEU C 212 -1.13 21.99 -11.16
CA LEU C 212 -1.48 21.48 -12.47
C LEU C 212 -1.06 22.45 -13.57
N PRO C 213 -0.77 21.96 -14.77
CA PRO C 213 -0.55 22.87 -15.91
C PRO C 213 -1.82 23.66 -16.21
N PRO C 214 -1.70 24.78 -16.94
CA PRO C 214 -2.88 25.66 -17.10
C PRO C 214 -4.12 24.99 -17.68
N ALA C 215 -3.98 24.12 -18.69
CA ALA C 215 -5.17 23.50 -19.27
C ALA C 215 -5.88 22.62 -18.25
N GLN C 216 -5.13 21.81 -17.51
CA GLN C 216 -5.73 20.94 -16.51
C GLN C 216 -6.29 21.76 -15.35
N ARG C 217 -5.58 22.81 -14.95
CA ARG C 217 -6.06 23.71 -13.92
C ARG C 217 -7.40 24.32 -14.30
N ALA C 218 -7.51 24.78 -15.54
CA ALA C 218 -8.78 25.35 -15.99
C ALA C 218 -9.88 24.31 -15.94
N GLN C 219 -9.56 23.06 -16.29
CA GLN C 219 -10.57 22.00 -16.30
C GLN C 219 -11.06 21.68 -14.90
N LEU C 220 -10.15 21.62 -13.92
CA LEU C 220 -10.59 21.35 -12.55
C LEU C 220 -11.49 22.46 -12.05
N ILE C 221 -11.14 23.72 -12.35
CA ILE C 221 -11.96 24.86 -11.94
C ILE C 221 -13.33 24.77 -12.58
N GLU C 222 -13.38 24.43 -13.87
CA GLU C 222 -14.67 24.30 -14.56
C GLU C 222 -15.56 23.26 -13.89
N TRP C 223 -14.99 22.10 -13.54
CA TRP C 223 -15.80 21.06 -12.92
C TRP C 223 -16.29 21.50 -11.54
N LEU C 224 -15.41 22.12 -10.74
CA LEU C 224 -15.82 22.60 -9.41
C LEU C 224 -16.88 23.70 -9.51
N ARG C 225 -16.73 24.63 -10.46
CA ARG C 225 -17.75 25.66 -10.62
C ARG C 225 -19.09 25.05 -11.01
N GLY C 226 -19.09 23.86 -11.62
CA GLY C 226 -20.31 23.24 -12.07
C GLY C 226 -20.98 22.29 -11.10
N ASN C 227 -20.65 22.34 -9.81
CA ASN C 227 -21.36 21.52 -8.83
C ASN C 227 -22.86 21.80 -8.91
N LYS C 228 -23.64 20.75 -9.12
CA LYS C 228 -25.09 20.88 -9.22
C LYS C 228 -25.82 20.42 -7.96
N VAL C 229 -25.12 19.84 -6.99
CA VAL C 229 -25.77 19.21 -5.85
C VAL C 229 -25.33 19.83 -4.53
N GLY C 230 -24.90 21.09 -4.55
CA GLY C 230 -24.48 21.75 -3.33
C GLY C 230 -25.14 23.11 -3.08
N ASP C 231 -26.35 23.31 -3.61
CA ASP C 231 -26.95 24.64 -3.55
C ASP C 231 -27.20 25.11 -2.13
N LYS C 232 -27.41 24.19 -1.20
CA LYS C 232 -27.74 24.56 0.18
C LYS C 232 -26.53 24.68 1.08
N ALA C 233 -25.32 24.47 0.55
CA ALA C 233 -24.11 24.44 1.36
C ALA C 233 -23.36 25.77 1.25
N ILE C 234 -22.09 25.77 0.83
CA ILE C 234 -21.34 27.02 0.75
C ILE C 234 -22.08 28.05 -0.10
N ARG C 235 -22.70 27.58 -1.19
CA ARG C 235 -23.38 28.49 -2.12
C ARG C 235 -24.51 29.26 -1.45
N ALA C 236 -25.14 28.67 -0.43
CA ALA C 236 -26.22 29.34 0.28
C ALA C 236 -25.72 30.34 1.32
N GLY C 237 -24.43 30.31 1.64
CA GLY C 237 -23.91 31.16 2.69
C GLY C 237 -23.01 32.29 2.25
N VAL C 238 -22.72 32.38 0.96
CA VAL C 238 -21.84 33.44 0.47
C VAL C 238 -22.72 34.64 0.11
N PRO C 239 -22.21 35.85 0.19
CA PRO C 239 -22.98 37.01 -0.30
C PRO C 239 -23.35 36.85 -1.76
N THR C 240 -24.46 37.47 -2.14
CA THR C 240 -24.90 37.48 -3.52
C THR C 240 -23.81 38.08 -4.43
N GLY C 241 -23.64 37.49 -5.61
CA GLY C 241 -22.62 37.94 -6.54
C GLY C 241 -21.29 37.23 -6.45
N TRP C 242 -21.03 36.51 -5.36
CA TRP C 242 -19.82 35.72 -5.26
C TRP C 242 -19.93 34.50 -6.18
N ARG C 243 -18.81 34.13 -6.81
CA ARG C 243 -18.74 32.91 -7.60
C ARG C 243 -18.09 31.81 -6.76
N VAL C 244 -18.56 30.58 -6.95
CA VAL C 244 -18.12 29.44 -6.14
C VAL C 244 -17.71 28.29 -7.03
N GLY C 245 -16.58 27.68 -6.71
CA GLY C 245 -16.29 26.34 -7.20
C GLY C 245 -16.12 25.43 -6.00
N ASP C 246 -16.77 24.28 -5.96
CA ASP C 246 -16.77 23.54 -4.71
C ASP C 246 -17.09 22.08 -4.95
N LYS C 247 -16.83 21.27 -3.92
CA LYS C 247 -17.23 19.87 -3.89
C LYS C 247 -17.79 19.54 -2.52
N THR C 248 -19.06 19.13 -2.48
CA THR C 248 -19.76 18.72 -1.29
C THR C 248 -19.47 17.26 -0.93
N GLY C 249 -19.78 16.89 0.30
CA GLY C 249 -19.76 15.50 0.72
C GLY C 249 -20.76 15.27 1.83
N THR C 250 -21.30 14.05 1.86
CA THR C 250 -22.21 13.63 2.92
C THR C 250 -21.90 12.19 3.30
N GLY C 251 -22.14 11.86 4.56
CA GLY C 251 -21.94 10.50 4.99
C GLY C 251 -22.76 10.16 6.22
N ASP C 252 -22.46 8.99 6.78
CA ASP C 252 -23.13 8.53 7.99
C ASP C 252 -22.74 9.44 9.16
N TYR C 253 -23.35 9.20 10.33
CA TYR C 253 -23.15 10.05 11.50
C TYR C 253 -23.46 11.51 11.14
N GLY C 254 -24.42 11.68 10.24
CA GLY C 254 -24.89 13.03 9.91
C GLY C 254 -23.81 13.94 9.39
N THR C 255 -22.86 13.37 8.65
CA THR C 255 -21.70 14.12 8.17
C THR C 255 -22.07 14.95 6.95
N THR C 256 -21.73 16.23 6.97
CA THR C 256 -21.95 17.11 5.82
C THR C 256 -20.74 18.03 5.69
N ASN C 257 -20.10 18.01 4.50
CA ASN C 257 -18.88 18.73 4.22
C ASN C 257 -19.02 19.51 2.93
N ASP C 258 -18.15 20.52 2.75
CA ASP C 258 -18.08 21.25 1.51
C ASP C 258 -16.75 21.98 1.46
N VAL C 259 -16.03 21.88 0.33
CA VAL C 259 -14.74 22.55 0.19
C VAL C 259 -14.69 23.23 -1.17
N GLY C 260 -14.09 24.42 -1.22
CA GLY C 260 -14.00 25.07 -2.51
C GLY C 260 -13.28 26.39 -2.45
N VAL C 261 -13.43 27.15 -3.54
CA VAL C 261 -12.83 28.46 -3.69
C VAL C 261 -13.96 29.45 -3.99
N LEU C 262 -13.90 30.60 -3.33
CA LEU C 262 -14.92 31.64 -3.45
C LEU C 262 -14.29 32.88 -4.06
N TRP C 263 -14.93 33.44 -5.08
CA TRP C 263 -14.44 34.64 -5.75
C TRP C 263 -15.39 35.80 -5.51
N PRO C 264 -15.08 36.69 -4.55
CA PRO C 264 -15.89 37.91 -4.40
C PRO C 264 -15.64 38.86 -5.54
N PRO C 265 -16.59 39.74 -5.86
CA PRO C 265 -16.51 40.52 -7.11
C PRO C 265 -15.31 41.45 -7.24
N SER C 266 -14.84 42.06 -6.15
CA SER C 266 -13.76 43.04 -6.25
C SER C 266 -12.61 42.71 -5.31
N ARG C 267 -12.46 41.46 -4.91
CA ARG C 267 -11.48 41.05 -3.93
C ARG C 267 -10.78 39.78 -4.41
N ALA C 268 -9.66 39.46 -3.75
CA ALA C 268 -8.98 38.21 -4.02
C ALA C 268 -9.84 37.03 -3.54
N PRO C 269 -9.65 35.86 -4.14
CA PRO C 269 -10.47 34.71 -3.74
C PRO C 269 -10.17 34.23 -2.32
N ILE C 270 -11.17 33.56 -1.76
CA ILE C 270 -11.09 32.95 -0.45
C ILE C 270 -11.18 31.44 -0.64
N VAL C 271 -10.25 30.70 -0.03
CA VAL C 271 -10.32 29.23 -0.01
C VAL C 271 -11.07 28.82 1.25
N LEU C 272 -12.01 27.88 1.13
CA LEU C 272 -12.87 27.53 2.26
C LEU C 272 -13.07 26.02 2.32
N ALA C 273 -12.70 25.42 3.45
CA ALA C 273 -12.97 24.01 3.69
C ALA C 273 -13.79 23.86 4.96
N VAL C 274 -14.96 23.21 4.86
CA VAL C 274 -15.87 23.02 5.98
C VAL C 274 -16.17 21.54 6.11
N TYR C 275 -15.96 21.00 7.30
CA TYR C 275 -16.25 19.61 7.62
C TYR C 275 -17.13 19.59 8.87
N TYR C 276 -18.12 18.71 8.88
CA TYR C 276 -19.02 18.66 10.02
C TYR C 276 -19.53 17.24 10.21
N THR C 277 -19.48 16.74 11.44
CA THR C 277 -19.91 15.37 11.69
C THR C 277 -20.49 15.29 13.10
N GLN C 278 -21.34 14.29 13.33
CA GLN C 278 -22.13 14.26 14.55
C GLN C 278 -21.84 12.97 15.33
N THR C 279 -22.40 12.89 16.55
CA THR C 279 -21.96 11.85 17.47
C THR C 279 -22.74 10.55 17.37
N ARG C 280 -23.97 10.58 16.89
CA ARG C 280 -24.84 9.41 16.86
C ARG C 280 -24.97 8.87 15.45
N ALA C 281 -25.03 7.54 15.33
CA ALA C 281 -25.27 6.92 14.04
C ALA C 281 -26.62 7.33 13.46
N ASP C 282 -27.62 7.57 14.32
CA ASP C 282 -28.94 7.98 13.84
C ASP C 282 -29.02 9.49 13.57
N ALA C 283 -27.90 10.21 13.59
CA ALA C 283 -27.94 11.64 13.34
C ALA C 283 -28.40 11.93 11.92
N LYS C 284 -29.13 13.03 11.76
CA LYS C 284 -29.58 13.44 10.44
C LYS C 284 -28.72 14.59 9.94
N ALA C 285 -28.53 14.63 8.62
CA ALA C 285 -27.79 15.72 8.02
C ALA C 285 -28.43 17.06 8.38
N LYS C 286 -27.58 18.03 8.66
CA LYS C 286 -28.02 19.40 8.93
C LYS C 286 -27.63 20.22 7.70
N ASP C 287 -28.59 20.46 6.82
CA ASP C 287 -28.34 21.03 5.51
C ASP C 287 -28.10 22.54 5.54
N ASP C 288 -27.98 23.13 6.73
CA ASP C 288 -27.78 24.56 6.90
C ASP C 288 -26.53 24.92 7.70
N VAL C 289 -25.84 23.93 8.28
CA VAL C 289 -24.69 24.21 9.12
C VAL C 289 -23.51 24.71 8.29
N ILE C 290 -23.31 24.15 7.09
CA ILE C 290 -22.21 24.61 6.26
C ILE C 290 -22.44 26.04 5.81
N ALA C 291 -23.67 26.38 5.42
CA ALA C 291 -23.97 27.75 5.02
C ALA C 291 -23.74 28.71 6.17
N ALA C 292 -24.15 28.32 7.39
CA ALA C 292 -23.92 29.15 8.56
C ALA C 292 -22.42 29.35 8.82
N ALA C 293 -21.62 28.29 8.69
CA ALA C 293 -20.17 28.43 8.85
C ALA C 293 -19.58 29.34 7.78
N THR C 294 -20.13 29.27 6.57
CA THR C 294 -19.66 30.09 5.46
C THR C 294 -19.92 31.56 5.75
N ARG C 295 -21.10 31.88 6.29
CA ARG C 295 -21.38 33.26 6.68
C ARG C 295 -20.39 33.76 7.71
N ILE C 296 -20.04 32.93 8.70
CA ILE C 296 -19.11 33.35 9.75
C ILE C 296 -17.71 33.53 9.18
N ALA C 297 -17.29 32.62 8.29
CA ALA C 297 -15.98 32.75 7.67
C ALA C 297 -15.91 34.00 6.80
N SER C 298 -16.98 34.28 6.05
CA SER C 298 -17.01 35.48 5.22
C SER C 298 -16.96 36.74 6.07
N ALA C 299 -17.64 36.73 7.22
CA ALA C 299 -17.64 37.91 8.08
C ALA C 299 -16.24 38.17 8.66
N THR C 300 -15.59 37.11 9.12
CA THR C 300 -14.25 37.22 9.68
C THR C 300 -13.25 37.78 8.66
N LEU C 301 -13.41 37.41 7.40
CA LEU C 301 -12.49 37.81 6.34
C LEU C 301 -12.97 39.01 5.54
N ALA C 302 -14.00 39.70 6.01
CA ALA C 302 -14.56 40.83 5.25
C ALA C 302 -13.58 42.00 5.14
#